data_7UWJ
#
_entry.id   7UWJ
#
_cell.length_a   1.00
_cell.length_b   1.00
_cell.length_c   1.00
_cell.angle_alpha   90.00
_cell.angle_beta   90.00
_cell.angle_gamma   90.00
#
_symmetry.space_group_name_H-M   'P 1'
#
loop_
_entity.id
_entity.type
_entity.pdbx_description
1 polymer Interleukin-25
2 polymer 'Interleukin-17 receptor B'
3 non-polymer 2-acetamido-2-deoxy-beta-D-glucopyranose
#
loop_
_entity_poly.entity_id
_entity_poly.type
_entity_poly.pdbx_seq_one_letter_code
_entity_poly.pdbx_strand_id
1 'polypeptide(L)'
;DASATHTYSHWPSCCPSKGQDTSEELLRWSTVPVPPLEPARPNRHPESCRASEDGPLNSRAISPWRYELDRDLNRLPQDL
YHARCLCPHCVSLQTGSHMDPRGNSELLYHNQTVFYRRPCHGEKGTHKGYCLERRLYRVSLACVCVRPRVMGAPAALEVL
FQGPGAAGLNDIFEAQKIEWHEHHHHHH
;
A,B
2 'polypeptide(L)'
;REPTVQCGSETGPSPEWMLQHDLIPGDLRDLRVEPVTTSVATGDYSILMNVSWVLRADASIRLLKATKICVTGKSNFQSY
SCVRCNYTEAFQTQTRPSGGKWTFSYIGFPVELNTVYFIGAHNIPNANMNEDGPSMSVNFTSPGCLDHIMKYKKKCVKAG
SLWDPNITACKKNEETVEVNFTTTPLGNRYMALIQHSTIIGFSQVFEPHQKKQTRASVVIPVTGDSEGATVQLTPYFPTC
GSDCIRHKGTVVLCP
;
C,D
#
loop_
_chem_comp.id
_chem_comp.type
_chem_comp.name
_chem_comp.formula
NAG D-saccharide, beta linking 2-acetamido-2-deoxy-beta-D-glucopyranose 'C8 H15 N O6'
#
# COMPACT_ATOMS: atom_id res chain seq x y z
N CYS A 49 -14.68 11.34 -5.67
CA CYS A 49 -13.61 11.01 -4.75
C CYS A 49 -12.91 12.26 -4.22
N ARG A 50 -12.64 12.27 -2.92
CA ARG A 50 -12.18 13.47 -2.22
C ARG A 50 -11.31 13.05 -1.04
N ALA A 51 -10.51 13.99 -0.55
CA ALA A 51 -9.64 13.78 0.60
C ALA A 51 -10.11 14.63 1.77
N SER A 52 -10.36 13.98 2.91
CA SER A 52 -10.79 14.64 4.13
C SER A 52 -9.57 14.90 5.01
N GLU A 53 -9.79 15.32 6.26
CA GLU A 53 -8.70 15.74 7.14
C GLU A 53 -8.50 14.81 8.32
N ASP A 54 -9.56 14.26 8.90
CA ASP A 54 -9.41 13.44 10.09
C ASP A 54 -8.75 12.10 9.78
N GLY A 55 -9.26 11.39 8.78
CA GLY A 55 -8.67 10.13 8.40
C GLY A 55 -9.65 8.97 8.46
N PRO A 56 -9.13 7.75 8.57
CA PRO A 56 -7.69 7.46 8.52
C PRO A 56 -7.18 7.07 7.14
N LEU A 57 -6.43 7.94 6.47
CA LEU A 57 -5.62 7.58 5.30
C LEU A 57 -6.43 6.97 4.16
N ASN A 58 -7.74 6.81 4.36
CA ASN A 58 -8.61 6.24 3.35
C ASN A 58 -9.43 7.37 2.72
N SER A 59 -9.77 8.35 3.56
CA SER A 59 -10.32 9.62 3.11
C SER A 59 -9.29 10.73 3.18
N ARG A 60 -8.00 10.40 3.31
CA ARG A 60 -6.94 11.38 3.45
C ARG A 60 -5.85 11.24 2.40
N ALA A 61 -6.02 10.36 1.43
CA ALA A 61 -4.95 10.02 0.49
C ALA A 61 -5.25 10.62 -0.88
N ILE A 62 -4.19 10.78 -1.67
CA ILE A 62 -4.32 11.31 -3.01
C ILE A 62 -5.12 10.38 -3.90
N SER A 63 -4.96 9.07 -3.73
CA SER A 63 -5.77 8.06 -4.40
C SER A 63 -6.62 7.36 -3.35
N PRO A 64 -7.73 7.97 -2.94
CA PRO A 64 -8.52 7.40 -1.83
C PRO A 64 -9.16 6.08 -2.23
N TRP A 65 -9.49 5.28 -1.22
CA TRP A 65 -10.14 4.00 -1.43
C TRP A 65 -11.25 3.81 -0.41
N ARG A 66 -12.41 3.35 -0.88
CA ARG A 66 -13.51 2.96 -0.01
C ARG A 66 -13.54 1.44 0.11
N TYR A 67 -14.06 0.97 1.25
CA TYR A 67 -14.04 -0.44 1.58
C TYR A 67 -15.38 -1.06 1.21
N GLU A 68 -15.34 -2.05 0.32
CA GLU A 68 -16.52 -2.78 -0.09
C GLU A 68 -16.68 -4.03 0.76
N LEU A 69 -17.91 -4.50 0.88
CA LEU A 69 -18.23 -5.65 1.72
C LEU A 69 -18.34 -6.90 0.86
N ASP A 70 -17.58 -7.93 1.23
CA ASP A 70 -17.62 -9.23 0.57
C ASP A 70 -18.01 -10.24 1.65
N ARG A 71 -19.32 -10.41 1.84
CA ARG A 71 -19.84 -11.28 2.89
C ARG A 71 -19.88 -12.72 2.42
N ASP A 72 -19.26 -13.60 3.18
CA ASP A 72 -19.30 -15.04 2.93
C ASP A 72 -19.61 -15.74 4.24
N LEU A 73 -20.61 -16.63 4.20
CA LEU A 73 -21.07 -17.35 5.38
C LEU A 73 -20.27 -18.63 5.60
N ASN A 74 -19.16 -18.80 4.88
CA ASN A 74 -18.28 -19.95 5.13
C ASN A 74 -16.81 -19.54 5.12
N ARG A 75 -16.50 -18.26 5.33
CA ARG A 75 -15.14 -17.75 5.35
C ARG A 75 -14.84 -17.12 6.71
N LEU A 76 -13.61 -17.27 7.16
CA LEU A 76 -13.15 -16.67 8.41
C LEU A 76 -11.95 -15.78 8.11
N PRO A 77 -12.05 -14.45 8.28
CA PRO A 77 -13.20 -13.68 8.77
C PRO A 77 -14.44 -13.71 7.88
N GLN A 78 -15.61 -13.60 8.50
CA GLN A 78 -16.86 -13.60 7.75
C GLN A 78 -17.02 -12.35 6.91
N ASP A 79 -16.39 -11.25 7.30
CA ASP A 79 -16.47 -9.98 6.58
C ASP A 79 -15.08 -9.46 6.31
N LEU A 80 -14.74 -9.31 5.03
CA LEU A 80 -13.50 -8.70 4.59
C LEU A 80 -13.83 -7.37 3.93
N TYR A 81 -12.80 -6.61 3.57
CA TYR A 81 -13.03 -5.31 2.96
C TYR A 81 -11.91 -5.02 1.96
N HIS A 82 -12.25 -5.06 0.68
CA HIS A 82 -11.34 -4.71 -0.40
C HIS A 82 -11.33 -3.21 -0.60
N ALA A 83 -10.19 -2.68 -1.03
CA ALA A 83 -10.06 -1.27 -1.33
C ALA A 83 -10.39 -1.03 -2.80
N ARG A 84 -11.33 -0.13 -3.06
CA ARG A 84 -11.72 0.21 -4.42
C ARG A 84 -11.42 1.67 -4.68
N CYS A 85 -10.65 1.93 -5.74
CA CYS A 85 -10.22 3.28 -6.06
C CYS A 85 -11.40 4.04 -6.67
N LEU A 86 -11.92 5.01 -5.92
CA LEU A 86 -12.99 5.85 -6.46
C LEU A 86 -12.44 6.88 -7.43
N CYS A 87 -11.17 7.24 -7.28
CA CYS A 87 -10.50 8.18 -8.18
C CYS A 87 -9.89 7.44 -9.37
N PRO A 88 -10.40 7.64 -10.59
CA PRO A 88 -9.67 7.16 -11.77
C PRO A 88 -8.31 7.82 -11.93
N HIS A 89 -8.19 9.07 -11.51
CA HIS A 89 -6.94 9.82 -11.55
C HIS A 89 -6.73 10.53 -10.21
N CYS A 90 -5.48 10.90 -9.95
CA CYS A 90 -5.08 11.39 -8.64
C CYS A 90 -5.59 12.82 -8.41
N VAL A 91 -5.75 13.17 -7.14
CA VAL A 91 -6.32 14.44 -6.73
C VAL A 91 -5.19 15.46 -6.57
N SER A 92 -5.54 16.73 -6.69
CA SER A 92 -4.58 17.81 -6.47
C SER A 92 -4.29 17.96 -4.98
N LEU A 93 -3.01 18.14 -4.66
CA LEU A 93 -2.65 18.48 -3.29
C LEU A 93 -3.06 19.90 -2.92
N GLN A 94 -3.45 20.72 -3.89
CA GLN A 94 -3.93 22.07 -3.59
C GLN A 94 -5.22 22.02 -2.79
N THR A 95 -6.19 21.23 -3.24
CA THR A 95 -7.50 21.13 -2.58
C THR A 95 -7.81 19.71 -2.13
N GLY A 96 -7.61 18.73 -2.99
CA GLY A 96 -8.03 17.37 -2.71
C GLY A 96 -9.47 17.07 -3.08
N SER A 97 -10.26 18.10 -3.39
CA SER A 97 -11.65 17.89 -3.78
C SER A 97 -11.75 17.43 -5.23
N HIS A 98 -10.83 17.86 -6.09
CA HIS A 98 -10.87 17.56 -7.51
C HIS A 98 -9.60 16.82 -7.91
N MET A 99 -9.69 16.03 -8.97
CA MET A 99 -8.57 15.22 -9.42
C MET A 99 -7.67 15.99 -10.39
N ASP A 100 -6.56 15.37 -10.75
CA ASP A 100 -5.65 15.86 -11.77
C ASP A 100 -5.41 14.77 -12.81
N PRO A 101 -5.30 15.13 -14.08
CA PRO A 101 -5.14 14.14 -15.15
C PRO A 101 -3.72 13.59 -15.35
N ARG A 102 -2.73 14.07 -14.61
CA ARG A 102 -1.35 13.71 -14.86
C ARG A 102 -0.91 12.42 -14.17
N GLY A 103 -1.79 11.78 -13.39
CA GLY A 103 -1.42 10.62 -12.63
C GLY A 103 -2.35 9.44 -12.91
N ASN A 104 -1.94 8.28 -12.42
CA ASN A 104 -2.69 7.04 -12.55
C ASN A 104 -2.84 6.38 -11.18
N SER A 105 -3.87 5.54 -11.07
CA SER A 105 -4.19 4.86 -9.82
C SER A 105 -4.00 3.36 -10.01
N GLU A 106 -3.26 2.73 -9.10
CA GLU A 106 -3.00 1.30 -9.16
C GLU A 106 -3.12 0.70 -7.76
N LEU A 107 -3.75 -0.46 -7.70
CA LEU A 107 -3.90 -1.20 -6.45
C LEU A 107 -2.64 -1.99 -6.12
N LEU A 108 -2.53 -2.37 -4.86
CA LEU A 108 -1.56 -3.36 -4.41
C LEU A 108 -2.31 -4.54 -3.81
N TYR A 109 -1.73 -5.72 -3.94
CA TYR A 109 -2.38 -6.94 -3.49
C TYR A 109 -1.42 -7.70 -2.59
N HIS A 110 -1.99 -8.54 -1.73
CA HIS A 110 -1.23 -9.32 -0.76
C HIS A 110 -1.97 -10.64 -0.57
N ASN A 111 -1.29 -11.62 -0.02
CA ASN A 111 -1.88 -12.93 0.28
C ASN A 111 -2.16 -13.00 1.77
N GLN A 112 -3.44 -13.06 2.11
CA GLN A 112 -3.89 -13.02 3.51
C GLN A 112 -4.47 -14.37 3.89
N THR A 113 -3.96 -14.93 4.98
CA THR A 113 -4.31 -16.27 5.41
C THR A 113 -5.75 -16.27 5.92
N VAL A 114 -6.68 -16.70 5.08
CA VAL A 114 -8.07 -16.84 5.46
C VAL A 114 -8.39 -18.32 5.58
N PHE A 115 -9.58 -18.61 6.11
CA PHE A 115 -10.05 -19.98 6.31
C PHE A 115 -11.42 -20.13 5.67
N TYR A 116 -11.62 -21.27 5.02
CA TYR A 116 -12.87 -21.57 4.32
C TYR A 116 -13.51 -22.82 4.91
N ARG A 117 -14.84 -22.79 5.01
CA ARG A 117 -15.60 -23.92 5.54
C ARG A 117 -16.14 -24.80 4.41
N ARG A 118 -15.21 -25.39 3.67
CA ARG A 118 -15.58 -26.35 2.64
C ARG A 118 -15.98 -27.66 3.30
N PRO A 119 -16.95 -28.41 2.76
CA PRO A 119 -17.32 -29.73 3.29
C PRO A 119 -16.13 -30.66 3.47
N TYR A 130 -18.65 -30.32 8.92
CA TYR A 130 -17.84 -29.49 8.04
C TYR A 130 -16.36 -29.66 8.40
N CYS A 131 -15.48 -29.03 7.63
CA CYS A 131 -14.05 -29.19 7.83
C CYS A 131 -13.35 -27.86 7.57
N LEU A 132 -12.17 -27.73 8.17
CA LEU A 132 -11.35 -26.53 8.00
C LEU A 132 -10.34 -26.73 6.88
N GLU A 133 -10.01 -25.62 6.20
CA GLU A 133 -9.05 -25.69 5.11
C GLU A 133 -8.46 -24.30 4.91
N ARG A 134 -7.25 -24.26 4.36
CA ARG A 134 -6.46 -23.03 4.27
C ARG A 134 -6.11 -22.74 2.81
N ARG A 135 -6.60 -21.59 2.30
CA ARG A 135 -6.22 -21.09 0.99
C ARG A 135 -6.04 -19.58 1.07
N LEU A 136 -4.98 -19.08 0.45
CA LEU A 136 -4.71 -17.64 0.42
C LEU A 136 -5.79 -16.93 -0.39
N TYR A 137 -6.01 -15.66 -0.04
CA TYR A 137 -6.99 -14.83 -0.72
C TYR A 137 -6.34 -13.50 -1.06
N ARG A 138 -6.83 -12.88 -2.13
CA ARG A 138 -6.20 -11.71 -2.74
C ARG A 138 -7.05 -10.47 -2.42
N VAL A 139 -6.77 -9.86 -1.28
CA VAL A 139 -7.45 -8.66 -0.86
C VAL A 139 -6.69 -7.44 -1.35
N SER A 140 -7.43 -6.40 -1.77
CA SER A 140 -6.82 -5.16 -2.23
C SER A 140 -6.57 -4.26 -1.02
N LEU A 141 -5.30 -3.93 -0.77
CA LEU A 141 -4.97 -3.16 0.42
C LEU A 141 -5.25 -1.67 0.23
N ALA A 142 -4.70 -1.08 -0.83
CA ALA A 142 -4.82 0.36 -1.01
C ALA A 142 -4.43 0.74 -2.43
N CYS A 143 -4.87 1.93 -2.84
CA CYS A 143 -4.45 2.54 -4.09
C CYS A 143 -3.24 3.43 -3.85
N VAL A 144 -2.31 3.42 -4.82
CA VAL A 144 -1.17 4.33 -4.80
C VAL A 144 -1.09 5.02 -6.16
N CYS A 145 -0.48 6.20 -6.16
CA CYS A 145 -0.42 7.03 -7.37
C CYS A 145 0.87 6.72 -8.11
N VAL A 146 0.75 6.35 -9.39
CA VAL A 146 1.89 5.93 -10.18
C VAL A 146 1.95 6.75 -11.46
N ARG A 147 3.19 7.05 -11.92
CA ARG A 147 3.45 7.91 -13.06
C ARG A 147 3.15 7.18 -14.37
N PRO A 148 2.76 7.93 -15.41
CA PRO A 148 2.42 7.30 -16.69
C PRO A 148 3.64 6.75 -17.40
N ARG A 149 3.39 5.80 -18.30
CA ARG A 149 4.40 5.24 -19.20
C ARG A 149 4.05 5.64 -20.62
N VAL A 150 4.91 6.43 -21.26
CA VAL A 150 4.61 7.06 -22.54
C VAL A 150 5.74 6.75 -23.51
N MET A 151 5.40 6.12 -24.63
CA MET A 151 6.35 5.92 -25.72
C MET A 151 5.71 6.37 -27.03
N GLY A 152 6.32 6.02 -28.16
CA GLY A 152 5.75 6.31 -29.46
C GLY A 152 6.58 5.79 -30.61
N GLU B 2 -35.04 -14.45 34.14
CA GLU B 2 -34.24 -13.36 34.72
C GLU B 2 -32.82 -13.41 34.20
N PRO B 3 -32.61 -12.97 32.95
CA PRO B 3 -31.27 -13.05 32.36
C PRO B 3 -30.40 -11.83 32.65
N THR B 4 -29.09 -12.03 32.65
CA THR B 4 -28.13 -10.96 32.87
C THR B 4 -27.02 -11.08 31.84
N VAL B 5 -26.17 -10.06 31.79
CA VAL B 5 -25.10 -10.01 30.80
C VAL B 5 -23.75 -10.16 31.48
N GLN B 6 -23.13 -11.28 30.97
CA GLN B 6 -21.76 -11.77 31.29
C GLN B 6 -21.08 -11.82 29.92
N CYS B 7 -19.90 -11.27 29.75
CA CYS B 7 -19.31 -11.20 28.42
C CYS B 7 -17.83 -11.56 28.55
N GLY B 8 -17.20 -12.08 27.50
CA GLY B 8 -15.81 -12.56 27.64
C GLY B 8 -14.91 -12.22 26.46
N SER B 9 -13.94 -13.07 26.11
CA SER B 9 -13.19 -12.82 24.88
C SER B 9 -12.80 -14.12 24.22
N GLU B 10 -13.00 -14.19 22.89
CA GLU B 10 -12.53 -15.32 22.09
C GLU B 10 -12.50 -14.89 20.63
N THR B 11 -11.35 -15.01 19.99
CA THR B 11 -11.20 -14.71 18.57
C THR B 11 -10.80 -15.97 17.82
N GLY B 12 -11.36 -16.16 16.63
CA GLY B 12 -11.07 -17.32 15.83
C GLY B 12 -12.32 -18.13 15.53
N PRO B 13 -12.17 -19.46 15.46
CA PRO B 13 -13.32 -20.31 15.18
C PRO B 13 -14.09 -20.71 16.43
N SER B 14 -15.41 -20.50 16.41
CA SER B 14 -16.23 -20.91 17.53
C SER B 14 -16.61 -22.40 17.40
N PRO B 15 -16.84 -23.07 18.52
CA PRO B 15 -17.18 -24.51 18.46
C PRO B 15 -18.46 -24.82 17.70
N GLU B 16 -19.45 -23.93 17.68
CA GLU B 16 -20.70 -24.20 17.00
C GLU B 16 -20.66 -23.84 15.51
N TRP B 17 -19.62 -23.12 15.08
CA TRP B 17 -19.49 -22.77 13.67
C TRP B 17 -19.31 -24.01 12.81
N MET B 18 -18.47 -24.95 13.26
CA MET B 18 -18.26 -26.19 12.52
C MET B 18 -19.44 -27.14 12.66
N LEU B 19 -20.00 -27.25 13.86
CA LEU B 19 -21.04 -28.22 14.14
C LEU B 19 -22.35 -27.82 13.45
N GLN B 20 -23.21 -28.81 13.21
CA GLN B 20 -24.49 -28.60 12.56
C GLN B 20 -25.60 -28.56 13.61
N HIS B 21 -26.76 -28.04 13.20
CA HIS B 21 -27.89 -27.86 14.10
C HIS B 21 -29.17 -28.09 13.32
N ASP B 22 -29.99 -29.03 13.80
CA ASP B 22 -31.24 -29.34 13.10
C ASP B 22 -32.20 -28.17 13.14
N LEU B 23 -32.28 -27.47 14.26
CA LEU B 23 -33.13 -26.29 14.42
C LEU B 23 -32.26 -25.08 14.70
N ILE B 24 -32.65 -23.93 14.14
CA ILE B 24 -31.85 -22.72 14.23
C ILE B 24 -32.64 -21.63 14.94
N PRO B 25 -32.01 -20.85 15.83
CA PRO B 25 -32.67 -19.67 16.39
C PRO B 25 -33.06 -18.66 15.33
N GLY B 26 -33.66 -17.55 15.76
CA GLY B 26 -33.96 -16.47 14.85
C GLY B 26 -32.75 -15.59 14.62
N ASP B 27 -32.91 -14.28 14.73
CA ASP B 27 -31.78 -13.36 14.59
C ASP B 27 -32.06 -12.11 15.41
N LEU B 28 -30.99 -11.36 15.66
CA LEU B 28 -31.10 -10.11 16.39
C LEU B 28 -31.91 -9.11 15.57
N ARG B 29 -33.09 -8.75 16.06
CA ARG B 29 -33.97 -7.86 15.30
C ARG B 29 -33.36 -6.48 15.13
N ASP B 30 -32.69 -5.97 16.17
CA ASP B 30 -32.10 -4.64 16.12
C ASP B 30 -30.74 -4.67 16.79
N LEU B 31 -29.90 -3.71 16.41
CA LEU B 31 -28.56 -3.61 16.97
C LEU B 31 -28.11 -2.16 16.89
N ARG B 32 -27.43 -1.71 17.94
CA ARG B 32 -26.98 -0.33 18.02
C ARG B 32 -25.63 -0.27 18.69
N VAL B 33 -24.87 0.79 18.39
CA VAL B 33 -23.57 1.03 18.97
C VAL B 33 -23.41 2.52 19.24
N GLU B 34 -22.83 2.86 20.39
CA GLU B 34 -22.58 4.24 20.74
C GLU B 34 -21.26 4.36 21.46
N PRO B 35 -20.57 5.50 21.33
CA PRO B 35 -19.33 5.70 22.09
C PRO B 35 -19.59 6.33 23.45
N VAL B 36 -19.12 5.68 24.52
CA VAL B 36 -19.26 6.18 25.88
C VAL B 36 -17.88 6.25 26.50
N THR B 37 -17.53 7.41 27.03
CA THR B 37 -16.23 7.66 27.63
C THR B 37 -16.32 7.50 29.14
N THR B 38 -15.41 6.70 29.70
CA THR B 38 -15.33 6.49 31.14
C THR B 38 -14.54 7.62 31.79
N SER B 39 -15.00 8.05 32.96
CA SER B 39 -14.33 9.13 33.67
C SER B 39 -12.94 8.71 34.12
N VAL B 40 -12.01 9.65 34.08
CA VAL B 40 -10.63 9.38 34.49
C VAL B 40 -10.51 9.39 36.00
N TYR B 45 -7.02 9.65 29.21
CA TYR B 45 -8.36 9.07 29.25
C TYR B 45 -8.40 7.68 28.63
N SER B 46 -9.53 7.00 28.81
CA SER B 46 -9.75 5.68 28.25
C SER B 46 -11.14 5.65 27.64
N ILE B 47 -11.27 4.89 26.55
CA ILE B 47 -12.50 4.81 25.77
C ILE B 47 -12.86 3.34 25.58
N LEU B 48 -14.16 3.04 25.71
CA LEU B 48 -14.67 1.68 25.59
C LEU B 48 -15.96 1.72 24.80
N MET B 49 -16.14 0.77 23.88
CA MET B 49 -17.28 0.77 22.99
C MET B 49 -18.51 0.18 23.68
N ASN B 50 -19.66 0.79 23.39
CA ASN B 50 -20.94 0.34 23.93
C ASN B 50 -21.75 -0.34 22.84
N VAL B 51 -22.14 -1.59 23.09
CA VAL B 51 -22.93 -2.37 22.15
C VAL B 51 -24.26 -2.73 22.80
N SER B 52 -25.34 -2.13 22.32
CA SER B 52 -26.68 -2.40 22.84
C SER B 52 -27.58 -2.82 21.69
N TRP B 53 -28.24 -3.96 21.86
CA TRP B 53 -29.11 -4.50 20.83
C TRP B 53 -30.46 -4.89 21.43
N VAL B 54 -31.50 -4.79 20.60
CA VAL B 54 -32.85 -5.20 21.00
C VAL B 54 -33.23 -6.44 20.21
N LEU B 55 -33.53 -7.52 20.94
CA LEU B 55 -33.88 -8.79 20.31
C LEU B 55 -35.36 -8.79 19.93
N ILE B 61 -36.58 -18.41 19.42
CA ILE B 61 -36.33 -17.52 20.55
C ILE B 61 -36.20 -18.33 21.83
N ARG B 62 -37.08 -19.31 22.00
CA ARG B 62 -37.02 -20.17 23.18
C ARG B 62 -35.72 -20.97 23.19
N LEU B 63 -35.31 -21.49 22.04
CA LEU B 63 -34.04 -22.20 21.91
C LEU B 63 -33.01 -21.20 21.38
N LEU B 64 -32.13 -20.76 22.28
CA LEU B 64 -31.14 -19.75 21.98
C LEU B 64 -30.03 -19.86 23.02
N LYS B 65 -28.78 -19.72 22.58
CA LYS B 65 -27.65 -19.96 23.47
C LYS B 65 -26.86 -18.72 23.83
N ALA B 66 -26.35 -17.99 22.84
CA ALA B 66 -25.45 -16.88 23.11
C ALA B 66 -25.44 -15.91 21.94
N THR B 67 -24.42 -15.11 21.88
CA THR B 67 -24.37 -14.07 20.87
C THR B 67 -22.91 -13.73 20.76
N LYS B 68 -22.38 -13.52 19.55
CA LYS B 68 -20.99 -13.16 19.30
C LYS B 68 -20.89 -11.81 18.61
N ILE B 69 -19.88 -11.03 19.00
CA ILE B 69 -19.61 -9.74 18.41
C ILE B 69 -18.15 -9.71 17.96
N CYS B 70 -17.93 -9.38 16.70
CA CYS B 70 -16.60 -9.23 16.13
C CYS B 70 -16.44 -7.83 15.56
N VAL B 71 -15.35 -7.16 15.91
CA VAL B 71 -15.05 -5.82 15.42
C VAL B 71 -13.73 -5.88 14.66
N THR B 72 -13.68 -5.16 13.54
CA THR B 72 -12.49 -5.09 12.70
C THR B 72 -12.07 -3.65 12.53
N GLY B 73 -10.78 -3.38 12.71
CA GLY B 73 -10.23 -2.05 12.49
C GLY B 73 -9.24 -2.09 11.35
N LYS B 74 -9.32 -1.07 10.48
CA LYS B 74 -8.47 -1.00 9.30
C LYS B 74 -8.03 0.45 9.12
N SER B 75 -6.88 0.81 9.71
CA SER B 75 -6.36 2.15 9.55
C SER B 75 -4.84 2.16 9.69
N ASN B 76 -4.13 2.12 8.57
CA ASN B 76 -2.67 2.10 8.49
C ASN B 76 -2.12 0.83 9.14
N PHE B 77 -2.98 -0.04 9.67
CA PHE B 77 -2.57 -1.25 10.37
C PHE B 77 -3.63 -2.30 10.11
N GLN B 78 -3.44 -3.46 10.74
CA GLN B 78 -4.45 -4.50 10.78
C GLN B 78 -4.74 -4.88 12.23
N SER B 79 -6.03 -4.93 12.56
CA SER B 79 -6.46 -5.30 13.89
C SER B 79 -7.78 -6.05 13.79
N TYR B 80 -7.98 -6.99 14.72
CA TYR B 80 -9.13 -7.88 14.66
C TYR B 80 -9.36 -8.45 16.05
N SER B 81 -10.52 -8.16 16.63
CA SER B 81 -10.90 -8.69 17.92
C SER B 81 -12.36 -9.14 17.89
N CYS B 82 -12.69 -10.09 18.76
CA CYS B 82 -14.05 -10.61 18.87
C CYS B 82 -14.38 -10.85 20.33
N VAL B 83 -15.66 -10.72 20.72
CA VAL B 83 -16.15 -11.00 22.10
C VAL B 83 -17.48 -11.73 22.05
N ARG B 84 -17.64 -12.82 22.81
CA ARG B 84 -18.94 -13.54 22.85
C ARG B 84 -19.61 -13.29 24.21
N CYS B 85 -20.92 -13.03 24.22
CA CYS B 85 -21.58 -12.73 25.49
C CYS B 85 -22.58 -13.85 25.70
N ASN B 86 -22.52 -14.59 26.80
CA ASN B 86 -23.44 -15.75 26.89
C ASN B 86 -24.75 -15.37 27.57
N TYR B 87 -25.75 -16.24 27.56
CA TYR B 87 -27.02 -15.90 28.25
C TYR B 87 -27.14 -16.82 29.45
N THR B 88 -27.58 -16.28 30.58
CA THR B 88 -27.65 -17.01 31.84
C THR B 88 -28.80 -18.01 31.89
N GLU B 89 -29.99 -17.60 31.47
CA GLU B 89 -31.16 -18.46 31.46
C GLU B 89 -32.17 -17.92 30.46
N ALA B 90 -33.14 -18.77 30.13
CA ALA B 90 -34.13 -18.42 29.11
C ALA B 90 -34.98 -17.23 29.54
N PHE B 91 -35.44 -16.46 28.56
CA PHE B 91 -36.22 -15.26 28.78
C PHE B 91 -37.48 -15.34 27.91
N GLN B 92 -38.56 -15.89 28.50
CA GLN B 92 -39.82 -15.97 27.78
C GLN B 92 -40.57 -14.65 27.83
N THR B 93 -40.41 -13.90 28.91
CA THR B 93 -41.22 -12.70 29.14
C THR B 93 -40.87 -11.60 28.15
N GLN B 94 -41.90 -10.91 27.67
CA GLN B 94 -41.69 -9.72 26.86
C GLN B 94 -41.28 -8.53 27.72
N THR B 95 -41.47 -8.64 29.03
CA THR B 95 -41.10 -7.57 29.95
C THR B 95 -39.59 -7.47 30.12
N THR B 103 -33.62 -6.60 25.35
CA THR B 103 -32.85 -5.36 25.24
C THR B 103 -31.71 -5.34 26.26
N PHE B 104 -30.48 -5.48 25.78
CA PHE B 104 -29.30 -5.54 26.62
C PHE B 104 -28.25 -4.56 26.12
N SER B 105 -27.09 -4.57 26.78
CA SER B 105 -25.98 -3.71 26.44
C SER B 105 -24.69 -4.34 26.94
N TYR B 106 -23.56 -3.78 26.50
CA TYR B 106 -22.26 -4.31 26.89
C TYR B 106 -21.18 -3.26 26.62
N ILE B 107 -20.14 -3.30 27.45
CA ILE B 107 -19.00 -2.40 27.34
C ILE B 107 -17.72 -3.23 27.25
N GLY B 108 -17.27 -3.54 26.02
CA GLY B 108 -16.19 -4.51 25.90
C GLY B 108 -15.14 -4.35 24.83
N PHE B 109 -14.94 -3.16 24.26
CA PHE B 109 -13.91 -3.02 23.23
C PHE B 109 -13.08 -1.75 23.41
N PRO B 110 -11.76 -1.86 23.54
CA PRO B 110 -10.92 -0.66 23.57
C PRO B 110 -10.79 -0.05 22.17
N VAL B 111 -11.02 1.24 22.10
CA VAL B 111 -11.04 1.97 20.83
C VAL B 111 -9.74 2.74 20.71
N GLU B 112 -9.08 2.61 19.56
CA GLU B 112 -7.86 3.35 19.29
C GLU B 112 -8.22 4.71 18.70
N LEU B 113 -7.22 5.43 18.19
CA LEU B 113 -7.43 6.72 17.59
C LEU B 113 -7.25 6.63 16.08
N ASN B 114 -8.17 7.27 15.35
CA ASN B 114 -8.19 7.23 13.90
C ASN B 114 -8.28 5.79 13.39
N THR B 115 -9.40 5.13 13.68
CA THR B 115 -9.64 3.74 13.29
C THR B 115 -11.11 3.57 12.92
N VAL B 116 -11.37 3.09 11.71
CA VAL B 116 -12.73 2.76 11.31
C VAL B 116 -13.07 1.35 11.79
N TYR B 117 -14.32 1.18 12.25
CA TYR B 117 -14.74 -0.07 12.86
C TYR B 117 -15.93 -0.64 12.12
N PHE B 118 -15.82 -1.89 11.68
CA PHE B 118 -16.92 -2.64 11.08
C PHE B 118 -17.32 -3.73 12.06
N ILE B 119 -18.51 -3.60 12.64
CA ILE B 119 -18.94 -4.46 13.74
C ILE B 119 -20.21 -5.20 13.32
N GLY B 120 -20.21 -6.51 13.52
CA GLY B 120 -21.35 -7.34 13.17
C GLY B 120 -21.56 -8.48 14.15
N ALA B 121 -22.82 -8.82 14.43
CA ALA B 121 -23.15 -9.84 15.41
C ALA B 121 -24.09 -10.86 14.80
N HIS B 122 -23.98 -12.11 15.24
CA HIS B 122 -24.86 -13.18 14.80
C HIS B 122 -25.16 -14.11 15.96
N ASN B 123 -26.39 -14.61 16.00
CA ASN B 123 -26.80 -15.54 17.05
C ASN B 123 -26.11 -16.89 16.85
N ILE B 124 -26.04 -17.66 17.94
CA ILE B 124 -25.39 -18.97 17.93
C ILE B 124 -26.37 -20.00 18.48
N PRO B 125 -26.68 -21.06 17.74
CA PRO B 125 -26.18 -21.37 16.40
C PRO B 125 -26.79 -20.49 15.31
N ASN B 126 -26.13 -20.44 14.16
CA ASN B 126 -26.54 -19.60 13.04
C ASN B 126 -27.04 -20.48 11.90
N ALA B 127 -27.36 -19.85 10.78
CA ALA B 127 -27.89 -20.56 9.62
C ALA B 127 -26.91 -21.62 9.14
N ASN B 128 -27.43 -22.81 8.86
CA ASN B 128 -26.62 -23.89 8.34
C ASN B 128 -26.11 -23.55 6.93
N MET B 129 -25.00 -24.19 6.57
CA MET B 129 -24.40 -23.94 5.27
C MET B 129 -25.30 -24.47 4.16
N ASN B 130 -25.18 -23.85 2.98
CA ASN B 130 -26.11 -24.03 1.87
C ASN B 130 -27.51 -23.57 2.25
N GLU B 131 -27.58 -22.41 2.90
CA GLU B 131 -28.85 -21.78 3.24
C GLU B 131 -28.57 -20.29 3.47
N ASP B 132 -29.62 -19.47 3.47
CA ASP B 132 -29.48 -18.03 3.43
C ASP B 132 -29.96 -17.40 4.73
N GLY B 133 -30.10 -16.08 4.73
CA GLY B 133 -30.49 -15.34 5.90
C GLY B 133 -29.33 -14.81 6.72
N PRO B 134 -28.43 -14.05 6.11
CA PRO B 134 -27.27 -13.54 6.84
C PRO B 134 -27.68 -12.46 7.84
N SER B 135 -26.69 -12.02 8.62
CA SER B 135 -26.93 -11.02 9.64
C SER B 135 -26.77 -9.61 9.08
N MET B 136 -26.96 -8.63 9.96
CA MET B 136 -26.79 -7.22 9.64
C MET B 136 -25.72 -6.60 10.52
N SER B 137 -25.20 -5.45 10.09
CA SER B 137 -24.09 -4.81 10.78
C SER B 137 -24.29 -3.30 10.79
N VAL B 138 -23.71 -2.67 11.80
CA VAL B 138 -23.71 -1.21 11.93
C VAL B 138 -22.27 -0.73 11.86
N ASN B 139 -22.09 0.55 11.55
CA ASN B 139 -20.77 1.10 11.30
C ASN B 139 -20.60 2.42 12.04
N PHE B 140 -19.35 2.77 12.31
CA PHE B 140 -19.02 3.90 13.17
C PHE B 140 -17.53 4.20 13.02
N THR B 141 -17.20 5.49 13.02
CA THR B 141 -15.83 5.95 12.89
C THR B 141 -15.38 6.63 14.18
N SER B 142 -14.23 6.21 14.69
CA SER B 142 -13.73 6.74 15.96
C SER B 142 -13.30 8.20 15.81
N PRO B 143 -13.46 9.00 16.85
CA PRO B 143 -12.99 10.40 16.80
C PRO B 143 -11.48 10.46 16.64
N GLY B 144 -11.02 11.49 15.94
CA GLY B 144 -9.60 11.68 15.69
C GLY B 144 -8.90 12.36 16.86
N CYS B 145 -7.69 12.83 16.56
CA CYS B 145 -6.89 13.57 17.53
C CYS B 145 -7.04 15.08 17.39
N LEU B 146 -7.80 15.55 16.41
CA LEU B 146 -7.96 16.98 16.15
C LEU B 146 -9.08 17.61 16.97
N ASP B 147 -9.74 16.84 17.82
CA ASP B 147 -10.85 17.35 18.62
C ASP B 147 -10.39 17.62 20.04
N HIS B 148 -11.23 18.36 20.78
CA HIS B 148 -10.89 18.77 22.14
C HIS B 148 -11.09 17.65 23.16
N ILE B 149 -12.01 16.71 22.90
CA ILE B 149 -12.32 15.70 23.90
C ILE B 149 -11.14 14.75 24.08
N MET B 150 -10.58 14.24 22.99
CA MET B 150 -9.45 13.31 23.01
C MET B 150 -8.13 13.97 22.63
N LYS B 151 -7.90 15.21 23.02
CA LYS B 151 -6.61 15.85 22.78
C LYS B 151 -5.63 15.66 23.93
N TYR B 152 -6.05 15.04 25.03
CA TYR B 152 -5.18 14.81 26.18
C TYR B 152 -4.63 13.39 26.21
N LYS B 153 -4.79 12.63 25.13
CA LYS B 153 -4.34 11.24 25.11
C LYS B 153 -2.83 11.17 25.19
N LYS B 154 -2.33 9.99 25.58
CA LYS B 154 -0.89 9.80 25.74
C LYS B 154 -0.16 10.02 24.42
N LYS B 155 -0.72 9.49 23.33
CA LYS B 155 -0.11 9.66 22.02
C LYS B 155 -0.17 11.12 21.56
N CYS B 156 -1.32 11.78 21.74
CA CYS B 156 -1.53 13.08 21.13
C CYS B 156 -0.61 14.15 21.71
N VAL B 157 -0.49 14.20 23.04
CA VAL B 157 0.33 15.24 23.66
C VAL B 157 1.80 15.05 23.29
N LYS B 158 2.27 13.81 23.28
CA LYS B 158 3.64 13.54 22.85
C LYS B 158 3.82 13.86 21.37
N ALA B 159 2.76 13.75 20.59
CA ALA B 159 2.80 14.06 19.16
C ALA B 159 2.65 15.55 18.88
N GLY B 160 2.32 16.36 19.89
CA GLY B 160 2.25 17.80 19.74
C GLY B 160 0.85 18.39 19.84
N SER B 161 -0.09 17.73 20.50
CA SER B 161 -1.46 18.27 20.56
C SER B 161 -1.58 19.44 21.52
N LEU B 162 -0.83 19.42 22.63
CA LEU B 162 -0.90 20.48 23.63
C LEU B 162 0.05 21.64 23.36
N TRP B 163 1.06 21.46 22.52
CA TRP B 163 2.03 22.51 22.27
C TRP B 163 1.37 23.67 21.54
N ASP B 164 1.68 24.89 21.98
CA ASP B 164 1.14 26.11 21.38
C ASP B 164 2.28 26.89 20.73
N PRO B 165 2.53 26.73 19.43
CA PRO B 165 3.64 27.45 18.81
C PRO B 165 3.52 28.97 18.88
N ASN B 166 2.30 29.51 18.77
CA ASN B 166 2.09 30.96 18.72
C ASN B 166 2.93 31.61 17.64
N ILE B 167 2.70 31.19 16.39
CA ILE B 167 3.50 31.66 15.27
C ILE B 167 3.24 33.13 15.01
N THR B 168 4.31 33.91 14.90
CA THR B 168 4.24 35.32 14.53
C THR B 168 5.30 35.56 13.46
N ALA B 169 4.93 35.43 12.19
CA ALA B 169 5.86 35.54 11.08
C ALA B 169 5.71 36.91 10.44
N CYS B 170 6.85 37.60 10.28
CA CYS B 170 6.89 38.95 9.73
C CYS B 170 7.63 38.93 8.40
N LYS B 171 6.99 39.49 7.36
CA LYS B 171 7.62 39.57 6.05
C LYS B 171 8.62 40.71 6.00
N LYS B 172 9.92 40.38 6.00
CA LYS B 172 10.95 41.40 5.97
C LYS B 172 10.89 42.21 4.67
N ASN B 173 10.90 41.53 3.53
CA ASN B 173 10.86 42.18 2.24
C ASN B 173 10.32 41.18 1.22
N GLU B 174 10.46 41.53 -0.07
CA GLU B 174 9.90 40.69 -1.12
C GLU B 174 10.60 39.33 -1.19
N GLU B 175 11.90 39.29 -0.88
CA GLU B 175 12.66 38.06 -1.03
C GLU B 175 12.81 37.26 0.25
N THR B 176 12.77 37.90 1.42
CA THR B 176 13.02 37.24 2.68
C THR B 176 11.82 37.37 3.61
N VAL B 177 11.59 36.32 4.40
CA VAL B 177 10.52 36.29 5.39
C VAL B 177 11.12 35.84 6.72
N GLU B 178 10.85 36.59 7.78
CA GLU B 178 11.35 36.27 9.12
C GLU B 178 10.21 35.70 9.95
N VAL B 179 10.42 34.50 10.49
CA VAL B 179 9.39 33.75 11.21
C VAL B 179 9.80 33.61 12.67
N ASN B 180 8.87 33.96 13.57
CA ASN B 180 9.04 33.77 15.00
C ASN B 180 8.10 32.66 15.47
N PHE B 181 8.64 31.69 16.19
CA PHE B 181 7.83 30.63 16.77
C PHE B 181 8.45 30.16 18.08
N THR B 182 7.60 29.87 19.06
CA THR B 182 8.07 29.39 20.34
C THR B 182 8.49 27.93 20.24
N THR B 183 9.65 27.61 20.81
CA THR B 183 10.20 26.27 20.71
C THR B 183 9.67 25.37 21.82
N THR B 184 10.14 24.13 21.84
CA THR B 184 9.77 23.14 22.83
C THR B 184 10.96 22.24 23.06
N PRO B 185 11.09 21.65 24.25
CA PRO B 185 12.21 20.73 24.50
C PRO B 185 12.20 19.49 23.61
N LEU B 186 11.05 19.15 23.02
CA LEU B 186 10.94 17.91 22.28
C LEU B 186 11.80 17.89 21.02
N GLY B 187 11.82 18.99 20.26
CA GLY B 187 12.46 19.00 18.97
C GLY B 187 13.52 20.08 18.86
N ASN B 188 14.42 19.89 17.89
CA ASN B 188 15.47 20.84 17.60
C ASN B 188 15.53 21.30 16.15
N ARG B 189 14.99 20.53 15.21
CA ARG B 189 14.93 20.90 13.81
C ARG B 189 13.48 20.94 13.36
N TYR B 190 13.19 21.83 12.40
CA TYR B 190 11.81 22.13 12.01
C TYR B 190 11.73 22.27 10.50
N MET B 191 10.61 21.84 9.93
CA MET B 191 10.33 22.13 8.52
C MET B 191 9.86 23.56 8.36
N ALA B 192 9.61 23.97 7.13
CA ALA B 192 8.97 25.24 6.82
C ALA B 192 8.36 25.21 5.43
N LEU B 193 7.10 25.61 5.35
CA LEU B 193 6.37 25.62 4.09
C LEU B 193 5.62 26.93 3.95
N ILE B 194 5.54 27.43 2.72
CA ILE B 194 4.80 28.65 2.39
C ILE B 194 4.02 28.35 1.12
N GLN B 195 2.71 28.19 1.24
CA GLN B 195 1.85 27.79 0.13
C GLN B 195 0.70 28.80 -0.01
N HIS B 196 0.65 29.48 -1.15
CA HIS B 196 -0.48 30.32 -1.50
C HIS B 196 -1.21 29.75 -2.71
N SER B 197 -0.49 29.57 -3.81
CA SER B 197 -0.98 28.87 -4.98
C SER B 197 -0.04 27.73 -5.38
N THR B 198 1.27 27.97 -5.33
CA THR B 198 2.29 26.96 -5.53
C THR B 198 3.34 27.10 -4.44
N ILE B 199 4.40 26.32 -4.54
CA ILE B 199 5.46 26.36 -3.54
C ILE B 199 6.41 27.50 -3.88
N ILE B 200 6.58 28.43 -2.92
CA ILE B 200 7.48 29.56 -3.12
C ILE B 200 8.54 29.58 -2.02
N GLY B 201 8.30 28.81 -0.96
CA GLY B 201 9.24 28.77 0.14
C GLY B 201 9.43 27.38 0.74
N PHE B 202 10.68 26.91 0.76
CA PHE B 202 11.03 25.64 1.39
C PHE B 202 12.42 25.78 2.01
N SER B 203 12.52 25.48 3.31
CA SER B 203 13.78 25.58 4.03
C SER B 203 13.83 24.56 5.16
N GLN B 204 15.04 24.30 5.62
CA GLN B 204 15.27 23.41 6.76
C GLN B 204 16.24 24.09 7.72
N VAL B 205 15.92 24.03 9.01
CA VAL B 205 16.68 24.75 10.02
C VAL B 205 16.98 23.83 11.19
N PHE B 206 17.99 24.19 11.97
CA PHE B 206 18.33 23.53 13.23
C PHE B 206 18.50 24.60 14.31
N GLU B 207 17.93 24.35 15.48
CA GLU B 207 18.03 25.27 16.60
C GLU B 207 18.25 24.50 17.89
N PRO B 208 19.23 24.87 18.71
CA PRO B 208 19.36 24.26 20.03
C PRO B 208 18.38 24.88 21.03
N HIS B 209 17.78 24.06 21.88
CA HIS B 209 16.82 24.57 22.85
C HIS B 209 17.54 25.26 24.00
N GLN B 210 17.05 26.44 24.37
CA GLN B 210 17.58 27.21 25.48
C GLN B 210 16.46 27.49 26.47
N LYS B 211 16.77 27.34 27.77
CA LYS B 211 15.77 27.68 28.79
C LYS B 211 15.66 29.18 28.97
N LYS B 212 16.77 29.91 28.82
CA LYS B 212 16.76 31.35 28.97
C LYS B 212 15.93 32.02 27.87
N GLN B 213 16.12 31.61 26.63
CA GLN B 213 15.43 32.19 25.48
C GLN B 213 14.69 31.10 24.74
N THR B 214 13.41 31.33 24.46
CA THR B 214 12.54 30.28 23.93
C THR B 214 11.75 30.79 22.72
N ARG B 215 12.36 31.66 21.92
CA ARG B 215 11.75 32.14 20.69
C ARG B 215 12.76 32.03 19.55
N ALA B 216 12.28 31.62 18.38
CA ALA B 216 13.15 31.36 17.25
C ALA B 216 13.05 32.47 16.21
N SER B 217 14.07 32.54 15.36
CA SER B 217 14.13 33.51 14.27
C SER B 217 14.70 32.79 13.04
N VAL B 218 13.85 32.59 12.03
CA VAL B 218 14.23 31.87 10.82
C VAL B 218 14.07 32.80 9.62
N VAL B 219 15.12 32.86 8.80
CA VAL B 219 15.11 33.65 7.56
C VAL B 219 15.08 32.68 6.39
N ILE B 220 14.10 32.84 5.51
CA ILE B 220 13.88 31.94 4.39
C ILE B 220 13.73 32.78 3.12
N PRO B 221 14.43 32.45 2.03
CA PRO B 221 14.19 33.14 0.77
C PRO B 221 12.91 32.64 0.11
N VAL B 222 12.20 33.57 -0.53
CA VAL B 222 10.95 33.26 -1.21
C VAL B 222 11.00 33.81 -2.62
N THR B 223 10.38 33.09 -3.55
CA THR B 223 10.32 33.48 -4.95
C THR B 223 8.91 33.99 -5.25
N GLY B 224 8.80 35.27 -5.56
CA GLY B 224 7.52 35.90 -5.83
C GLY B 224 6.98 36.62 -4.61
N ASP B 225 5.84 37.29 -4.83
CA ASP B 225 5.20 38.04 -3.75
C ASP B 225 4.52 37.08 -2.79
N SER B 226 4.94 37.12 -1.53
CA SER B 226 4.41 36.25 -0.49
C SER B 226 3.39 36.94 0.41
N GLU B 227 2.95 38.14 0.04
CA GLU B 227 1.98 38.87 0.87
C GLU B 227 0.67 38.10 0.93
N GLY B 228 0.16 37.94 2.16
CA GLY B 228 -1.10 37.24 2.36
C GLY B 228 -1.03 35.74 2.19
N ALA B 229 0.16 35.15 2.20
CA ALA B 229 0.31 33.72 2.01
C ALA B 229 -0.07 32.97 3.29
N THR B 230 0.13 31.66 3.27
CA THR B 230 -0.14 30.80 4.41
C THR B 230 1.16 30.16 4.87
N VAL B 231 1.44 30.25 6.16
CA VAL B 231 2.64 29.69 6.77
C VAL B 231 2.26 28.40 7.47
N GLN B 232 2.97 27.32 7.16
CA GLN B 232 2.68 26.00 7.69
C GLN B 232 3.93 25.46 8.38
N LEU B 233 3.81 25.12 9.66
CA LEU B 233 4.94 24.71 10.48
C LEU B 233 4.85 23.22 10.76
N THR B 234 5.88 22.47 10.37
CA THR B 234 5.93 21.05 10.61
C THR B 234 7.19 20.73 11.41
N PRO B 235 7.06 20.33 12.68
CA PRO B 235 8.23 19.98 13.48
C PRO B 235 8.71 18.57 13.21
N TYR B 236 10.01 18.38 13.44
CA TYR B 236 10.66 17.07 13.34
C TYR B 236 10.76 16.46 14.74
N PHE B 237 9.64 15.98 15.25
CA PHE B 237 9.73 15.25 16.51
C PHE B 237 10.04 13.78 16.23
N PRO B 238 11.07 13.22 16.85
CA PRO B 238 11.44 11.82 16.56
C PRO B 238 10.33 10.82 16.84
N THR B 239 9.39 11.11 17.74
CA THR B 239 8.36 10.16 18.11
C THR B 239 7.21 10.09 17.10
N CYS B 240 7.10 11.07 16.20
CA CYS B 240 6.03 11.08 15.21
C CYS B 240 6.54 11.15 13.77
N GLY B 241 7.84 11.00 13.56
CA GLY B 241 8.36 10.86 12.20
C GLY B 241 8.22 12.14 11.40
N SER B 242 7.86 11.98 10.13
CA SER B 242 7.69 13.10 9.21
C SER B 242 6.22 13.46 8.98
N ASP B 243 5.30 12.65 9.47
CA ASP B 243 3.86 12.90 9.32
C ASP B 243 3.27 13.59 10.54
N CYS B 244 4.02 14.47 11.18
CA CYS B 244 3.62 15.02 12.46
C CYS B 244 2.52 16.07 12.28
N ILE B 245 1.90 16.46 13.39
CA ILE B 245 0.82 17.44 13.35
C ILE B 245 1.37 18.79 12.93
N ARG B 246 0.52 19.61 12.32
CA ARG B 246 0.92 20.90 11.80
C ARG B 246 0.07 22.02 12.41
N HIS B 247 0.62 23.24 12.37
CA HIS B 247 -0.02 24.41 12.94
C HIS B 247 -0.08 25.52 11.90
N LYS B 248 -1.19 26.25 11.92
CA LYS B 248 -1.49 27.27 10.93
C LYS B 248 -0.71 28.54 11.21
N GLY B 249 -0.33 29.22 10.13
CA GLY B 249 0.26 30.55 10.23
C GLY B 249 -0.03 31.33 8.96
N THR B 250 -0.12 32.65 9.12
CA THR B 250 -0.37 33.55 8.01
C THR B 250 0.68 34.64 8.01
N VAL B 251 0.97 35.17 6.81
CA VAL B 251 1.94 36.25 6.69
C VAL B 251 1.38 37.50 7.36
N VAL B 252 2.07 37.97 8.39
CA VAL B 252 1.68 39.15 9.14
C VAL B 252 2.74 40.22 8.89
N LEU B 253 2.34 41.29 8.23
CA LEU B 253 3.27 42.39 7.98
C LEU B 253 3.60 43.10 9.28
N CYS B 254 4.90 43.28 9.55
CA CYS B 254 5.35 43.88 10.79
C CYS B 254 6.13 45.15 10.52
N PRO B 255 5.72 46.30 11.07
CA PRO B 255 6.43 47.58 10.89
C PRO B 255 7.79 47.59 11.58
N CYS C 49 16.13 9.64 -4.77
CA CYS C 49 14.83 10.29 -4.66
C CYS C 49 14.33 10.73 -6.03
N ARG C 50 14.02 9.75 -6.89
CA ARG C 50 13.63 10.01 -8.26
C ARG C 50 12.68 8.91 -8.72
N ALA C 51 11.90 9.22 -9.76
CA ALA C 51 10.96 8.27 -10.34
C ALA C 51 11.35 7.99 -11.79
N SER C 52 11.52 6.70 -12.12
CA SER C 52 11.87 6.28 -13.47
C SER C 52 10.60 5.83 -14.20
N GLU C 53 10.74 5.30 -15.40
CA GLU C 53 9.60 4.97 -16.25
C GLU C 53 9.36 3.47 -16.36
N ASP C 54 10.40 2.65 -16.46
CA ASP C 54 10.20 1.21 -16.58
C ASP C 54 9.59 0.64 -15.31
N GLY C 55 10.08 1.07 -14.15
CA GLY C 55 9.55 0.62 -12.89
C GLY C 55 10.49 -0.31 -12.16
N PRO C 56 9.94 -1.41 -11.60
CA PRO C 56 8.50 -1.64 -11.59
C PRO C 56 7.81 -1.08 -10.34
N LEU C 57 7.05 0.01 -10.50
CA LEU C 57 6.12 0.50 -9.47
C LEU C 57 6.84 0.98 -8.21
N ASN C 58 8.16 0.80 -8.14
CA ASN C 58 8.92 1.22 -6.98
C ASN C 58 9.72 2.47 -7.32
N SER C 59 10.17 2.54 -8.57
CA SER C 59 10.75 3.75 -9.12
C SER C 59 9.75 4.50 -10.01
N ARG C 60 8.45 4.27 -9.82
CA ARG C 60 7.41 4.87 -10.63
C ARG C 60 6.38 5.62 -9.81
N ALA C 61 6.44 5.51 -8.48
CA ALA C 61 5.50 6.16 -7.60
C ALA C 61 5.98 7.57 -7.27
N ILE C 62 5.05 8.41 -6.82
CA ILE C 62 5.38 9.78 -6.48
C ILE C 62 6.31 9.87 -5.29
N SER C 63 6.17 8.97 -4.31
CA SER C 63 7.06 8.89 -3.16
C SER C 63 7.73 7.53 -3.16
N PRO C 64 8.84 7.38 -3.88
CA PRO C 64 9.44 6.06 -4.04
C PRO C 64 9.99 5.52 -2.73
N TRP C 65 10.35 4.25 -2.75
CA TRP C 65 10.91 3.56 -1.59
C TRP C 65 11.87 2.48 -2.05
N ARG C 66 12.86 2.20 -1.23
CA ARG C 66 13.87 1.19 -1.50
C ARG C 66 13.69 0.02 -0.54
N TYR C 67 14.13 -1.16 -0.97
CA TYR C 67 13.95 -2.39 -0.21
C TYR C 67 15.24 -2.69 0.54
N GLU C 68 15.13 -2.80 1.87
CA GLU C 68 16.28 -3.04 2.72
C GLU C 68 16.22 -4.45 3.30
N LEU C 69 17.37 -4.95 3.73
CA LEU C 69 17.53 -6.36 4.07
C LEU C 69 17.44 -6.56 5.58
N ASP C 70 16.82 -7.67 5.98
CA ASP C 70 16.69 -8.11 7.36
C ASP C 70 16.95 -9.62 7.38
N ARG C 71 18.09 -10.02 7.93
CA ARG C 71 18.51 -11.41 7.89
C ARG C 71 18.42 -12.05 9.27
N ASP C 72 18.06 -13.32 9.30
CA ASP C 72 18.04 -14.13 10.51
C ASP C 72 18.39 -15.57 10.14
N LEU C 73 18.89 -16.32 11.12
CA LEU C 73 19.38 -17.68 10.88
C LEU C 73 18.38 -18.74 11.32
N ASN C 74 17.17 -18.34 11.70
CA ASN C 74 16.14 -19.32 12.04
C ASN C 74 14.76 -18.92 11.53
N ARG C 75 14.67 -18.21 10.41
CA ARG C 75 13.42 -17.70 9.88
C ARG C 75 13.19 -18.21 8.47
N LEU C 76 11.91 -18.37 8.11
CA LEU C 76 11.50 -18.68 6.75
C LEU C 76 10.60 -17.55 6.27
N PRO C 77 10.97 -16.80 5.22
CA PRO C 77 12.21 -16.93 4.44
C PRO C 77 13.45 -16.48 5.20
N GLN C 78 14.63 -16.87 4.70
CA GLN C 78 15.87 -16.37 5.28
C GLN C 78 16.04 -14.86 5.05
N ASP C 79 15.67 -14.37 3.86
CA ASP C 79 15.82 -12.97 3.52
C ASP C 79 14.45 -12.32 3.41
N LEU C 80 14.19 -11.33 4.25
CA LEU C 80 13.00 -10.51 4.17
C LEU C 80 13.39 -9.09 3.76
N TYR C 81 12.46 -8.40 3.10
CA TYR C 81 12.75 -7.09 2.53
C TYR C 81 11.61 -6.15 2.87
N HIS C 82 11.78 -5.36 3.92
CA HIS C 82 10.80 -4.37 4.32
C HIS C 82 10.80 -3.22 3.33
N ALA C 83 9.75 -2.40 3.40
CA ALA C 83 9.68 -1.20 2.59
C ALA C 83 10.18 -0.01 3.41
N ARG C 84 11.13 0.73 2.85
CA ARG C 84 11.69 1.92 3.49
C ARG C 84 11.52 3.12 2.58
N CYS C 85 10.72 4.08 3.00
CA CYS C 85 10.41 5.25 2.20
C CYS C 85 11.68 6.10 2.04
N LEU C 86 12.08 6.34 0.80
CA LEU C 86 13.32 7.08 0.54
C LEU C 86 13.08 8.57 0.49
N CYS C 87 12.18 9.03 -0.38
CA CYS C 87 11.91 10.45 -0.53
C CYS C 87 11.16 10.97 0.69
N PRO C 88 11.70 11.96 1.41
CA PRO C 88 10.97 12.50 2.57
C PRO C 88 9.63 13.09 2.21
N HIS C 89 9.49 13.66 1.01
CA HIS C 89 8.24 14.21 0.53
C HIS C 89 8.02 13.82 -0.92
N CYS C 90 6.76 13.85 -1.33
CA CYS C 90 6.34 13.37 -2.63
C CYS C 90 6.87 14.30 -3.74
N VAL C 91 7.13 13.71 -4.91
CA VAL C 91 7.75 14.42 -6.02
C VAL C 91 6.66 15.08 -6.86
N SER C 92 7.08 16.01 -7.72
CA SER C 92 6.14 16.65 -8.63
C SER C 92 5.96 15.80 -9.88
N LEU C 93 4.70 15.65 -10.31
CA LEU C 93 4.42 14.93 -11.54
C LEU C 93 4.83 15.73 -12.78
N GLN C 94 5.17 17.01 -12.62
CA GLN C 94 5.68 17.79 -13.75
C GLN C 94 6.96 17.19 -14.29
N THR C 95 7.86 16.77 -13.40
CA THR C 95 9.14 16.18 -13.80
C THR C 95 9.29 14.75 -13.32
N GLY C 96 8.89 14.45 -12.09
CA GLY C 96 9.13 13.15 -11.50
C GLY C 96 10.53 12.97 -10.96
N SER C 97 11.36 14.02 -10.96
CA SER C 97 12.75 13.88 -10.55
C SER C 97 12.99 14.46 -9.16
N HIS C 98 12.40 15.61 -8.85
CA HIS C 98 12.66 16.31 -7.60
C HIS C 98 11.41 16.34 -6.73
N MET C 99 11.61 16.53 -5.43
CA MET C 99 10.55 16.40 -4.44
C MET C 99 9.90 17.75 -4.14
N ASP C 100 8.65 17.69 -3.70
CA ASP C 100 7.86 18.83 -3.25
C ASP C 100 7.28 18.55 -1.89
N PRO C 101 7.28 19.54 -0.99
CA PRO C 101 6.88 19.29 0.41
C PRO C 101 5.37 19.24 0.67
N ARG C 102 4.52 19.35 -0.36
CA ARG C 102 3.08 19.45 -0.15
C ARG C 102 2.45 18.15 0.33
N GLY C 103 3.18 17.03 0.29
CA GLY C 103 2.63 15.76 0.69
C GLY C 103 3.47 15.13 1.79
N ASN C 104 2.98 14.01 2.30
CA ASN C 104 3.64 13.29 3.38
C ASN C 104 3.90 11.86 2.97
N SER C 105 5.03 11.33 3.44
CA SER C 105 5.42 9.95 3.21
C SER C 105 5.09 9.14 4.46
N GLU C 106 4.03 8.34 4.39
CA GLU C 106 3.59 7.53 5.51
C GLU C 106 3.63 6.06 5.13
N LEU C 107 4.30 5.27 5.96
CA LEU C 107 4.38 3.84 5.72
C LEU C 107 3.04 3.17 5.98
N LEU C 108 2.86 2.00 5.36
CA LEU C 108 1.76 1.10 5.67
C LEU C 108 2.34 -0.21 6.19
N TYR C 109 1.55 -0.93 6.98
CA TYR C 109 2.01 -2.15 7.59
C TYR C 109 0.93 -3.23 7.48
N HIS C 110 1.38 -4.48 7.46
CA HIS C 110 0.52 -5.64 7.52
C HIS C 110 1.27 -6.71 8.30
N ASN C 111 0.55 -7.72 8.77
CA ASN C 111 1.14 -8.80 9.56
C ASN C 111 1.36 -10.01 8.67
N GLN C 112 2.60 -10.50 8.63
CA GLN C 112 2.98 -11.60 7.76
C GLN C 112 3.26 -12.84 8.61
N THR C 113 2.90 -14.01 8.06
CA THR C 113 3.04 -15.28 8.77
C THR C 113 4.47 -15.77 8.60
N VAL C 114 5.17 -15.98 9.72
CA VAL C 114 6.53 -16.48 9.70
C VAL C 114 6.63 -17.67 10.65
N PHE C 115 7.67 -18.48 10.44
CA PHE C 115 7.94 -19.66 11.25
C PHE C 115 9.32 -19.53 11.89
N TYR C 116 9.37 -19.69 13.21
CA TYR C 116 10.59 -19.55 13.99
C TYR C 116 11.02 -20.90 14.55
N ARG C 117 12.32 -21.20 14.38
CA ARG C 117 12.89 -22.44 14.89
C ARG C 117 13.46 -22.24 16.30
N ARG C 118 12.61 -21.76 17.19
CA ARG C 118 13.00 -21.53 18.58
C ARG C 118 13.27 -22.87 19.26
N PRO C 119 14.39 -23.02 20.00
CA PRO C 119 14.75 -24.25 20.72
C PRO C 119 13.62 -24.82 21.57
N TYR C 130 14.59 -29.68 17.24
CA TYR C 130 14.17 -28.35 17.68
C TYR C 130 12.67 -28.22 17.61
N CYS C 131 12.17 -27.00 17.77
CA CYS C 131 10.72 -26.76 17.75
C CYS C 131 10.42 -25.58 16.84
N LEU C 132 9.30 -25.67 16.15
CA LEU C 132 8.84 -24.59 15.29
C LEU C 132 7.91 -23.65 16.06
N GLU C 133 7.85 -22.41 15.60
CA GLU C 133 7.02 -21.40 16.25
C GLU C 133 6.28 -20.62 15.17
N ARG C 134 5.07 -20.18 15.51
CA ARG C 134 4.23 -19.41 14.60
C ARG C 134 3.78 -18.15 15.32
N ARG C 135 4.36 -17.01 14.94
CA ARG C 135 3.99 -15.71 15.48
C ARG C 135 3.75 -14.75 14.32
N LEU C 136 2.90 -13.76 14.53
CA LEU C 136 2.73 -12.71 13.53
C LEU C 136 4.00 -11.87 13.44
N TYR C 137 4.30 -11.41 12.22
CA TYR C 137 5.50 -10.61 11.98
C TYR C 137 5.10 -9.33 11.27
N ARG C 138 5.93 -8.31 11.43
CA ARG C 138 5.64 -6.95 11.00
C ARG C 138 6.53 -6.59 9.81
N VAL C 139 5.95 -6.57 8.62
CA VAL C 139 6.67 -6.15 7.43
C VAL C 139 5.90 -5.00 6.77
N SER C 140 6.61 -3.91 6.51
CA SER C 140 6.02 -2.75 5.83
C SER C 140 5.90 -3.07 4.35
N LEU C 141 4.69 -2.93 3.80
CA LEU C 141 4.47 -3.31 2.41
C LEU C 141 4.87 -2.20 1.45
N ALA C 142 4.34 -1.00 1.63
CA ALA C 142 4.61 0.10 0.72
C ALA C 142 4.28 1.42 1.39
N CYS C 143 4.77 2.50 0.80
CA CYS C 143 4.46 3.84 1.26
C CYS C 143 3.31 4.43 0.43
N VAL C 144 2.61 5.38 1.03
CA VAL C 144 1.53 6.11 0.34
C VAL C 144 1.71 7.58 0.61
N CYS C 145 1.20 8.40 -0.30
CA CYS C 145 1.29 9.85 -0.16
C CYS C 145 -0.03 10.36 0.41
N VAL C 146 -0.01 10.74 1.69
CA VAL C 146 -1.23 11.11 2.40
C VAL C 146 -1.23 12.61 2.62
N ARG C 147 -2.46 13.19 2.64
CA ARG C 147 -2.48 14.63 2.84
C ARG C 147 -2.31 14.97 4.32
N PRO C 148 -1.75 16.13 4.64
CA PRO C 148 -1.35 16.41 6.03
C PRO C 148 -2.55 16.69 6.93
N ARG C 149 -2.30 16.59 8.24
CA ARG C 149 -3.24 17.03 9.26
C ARG C 149 -2.80 18.40 9.76
N VAL C 150 -3.74 19.34 9.81
CA VAL C 150 -3.47 20.69 10.27
C VAL C 150 -4.47 21.02 11.39
N MET C 151 -3.95 21.39 12.56
CA MET C 151 -4.77 21.75 13.70
C MET C 151 -5.00 23.27 13.67
N GLY C 152 -5.93 23.78 14.46
CA GLY C 152 -6.21 25.20 14.50
C GLY C 152 -7.68 25.54 14.39
N GLU D 2 32.43 -38.16 -10.58
CA GLU D 2 31.64 -37.78 -11.75
C GLU D 2 30.23 -37.39 -11.34
N PRO D 3 30.06 -36.16 -10.85
CA PRO D 3 28.73 -35.71 -10.42
C PRO D 3 27.88 -35.19 -11.56
N THR D 4 26.57 -35.31 -11.42
CA THR D 4 25.64 -34.83 -12.45
C THR D 4 24.59 -33.96 -11.77
N VAL D 5 23.94 -33.11 -12.58
CA VAL D 5 22.96 -32.17 -12.05
C VAL D 5 21.56 -32.77 -12.11
N GLN D 6 20.91 -32.83 -10.95
CA GLN D 6 19.50 -33.18 -10.87
C GLN D 6 18.85 -32.22 -9.88
N CYS D 7 17.66 -31.72 -10.23
CA CYS D 7 16.97 -30.75 -9.40
C CYS D 7 15.47 -31.03 -9.43
N GLY D 8 14.80 -30.78 -8.30
CA GLY D 8 13.38 -31.00 -8.17
C GLY D 8 12.66 -29.71 -7.85
N SER D 9 11.80 -29.76 -6.83
CA SER D 9 11.05 -28.60 -6.37
C SER D 9 10.55 -28.86 -4.96
N GLU D 10 10.79 -27.90 -4.06
CA GLU D 10 10.31 -28.02 -2.68
C GLU D 10 10.29 -26.63 -2.07
N THR D 11 9.16 -26.26 -1.46
CA THR D 11 9.02 -24.98 -0.76
C THR D 11 8.65 -25.26 0.69
N GLY D 12 9.29 -24.54 1.61
CA GLY D 12 9.04 -24.73 3.02
C GLY D 12 10.31 -25.05 3.79
N PRO D 13 10.16 -25.77 4.91
CA PRO D 13 11.35 -26.15 5.69
C PRO D 13 11.98 -27.44 5.20
N SER D 14 13.29 -27.42 4.98
CA SER D 14 14.00 -28.62 4.54
C SER D 14 14.08 -29.63 5.68
N PRO D 15 14.12 -30.92 5.35
CA PRO D 15 14.26 -31.95 6.41
C PRO D 15 15.56 -31.82 7.21
N GLU D 16 16.58 -31.14 6.67
CA GLU D 16 17.81 -30.89 7.43
C GLU D 16 17.74 -29.61 8.24
N TRP D 17 16.76 -28.74 7.97
CA TRP D 17 16.62 -27.50 8.71
C TRP D 17 16.36 -27.75 10.20
N MET D 18 15.46 -28.70 10.49
CA MET D 18 15.13 -29.00 11.87
C MET D 18 16.24 -29.79 12.55
N LEU D 19 16.83 -30.74 11.84
CA LEU D 19 17.85 -31.61 12.41
C LEU D 19 19.16 -30.84 12.59
N GLN D 20 20.05 -31.40 13.39
CA GLN D 20 21.35 -30.81 13.67
C GLN D 20 22.44 -31.71 13.11
N HIS D 21 23.64 -31.15 12.99
CA HIS D 21 24.77 -31.88 12.41
C HIS D 21 26.03 -31.47 13.17
N ASP D 22 26.77 -32.46 13.68
CA ASP D 22 28.00 -32.17 14.39
C ASP D 22 29.04 -31.53 13.49
N LEU D 23 29.17 -32.03 12.25
CA LEU D 23 30.10 -31.49 11.27
C LEU D 23 29.31 -30.78 10.18
N ILE D 24 29.72 -29.55 9.88
CA ILE D 24 29.02 -28.72 8.90
C ILE D 24 29.97 -28.41 7.74
N PRO D 25 29.55 -28.63 6.49
CA PRO D 25 30.42 -28.29 5.35
C PRO D 25 30.59 -26.79 5.17
N GLY D 26 31.33 -26.39 4.13
CA GLY D 26 31.58 -24.99 3.89
C GLY D 26 30.45 -24.30 3.16
N ASP D 27 30.78 -23.47 2.17
CA ASP D 27 29.78 -22.72 1.43
C ASP D 27 30.22 -22.60 -0.03
N LEU D 28 29.29 -22.14 -0.86
CA LEU D 28 29.56 -21.94 -2.28
C LEU D 28 30.54 -20.79 -2.45
N ARG D 29 31.56 -20.99 -3.29
CA ARG D 29 32.56 -19.96 -3.51
C ARG D 29 32.00 -18.80 -4.33
N ASP D 30 31.20 -19.10 -5.36
CA ASP D 30 30.63 -18.07 -6.21
C ASP D 30 29.28 -18.53 -6.74
N LEU D 31 28.41 -17.55 -7.03
CA LEU D 31 27.12 -17.82 -7.65
C LEU D 31 26.72 -16.60 -8.48
N ARG D 32 26.67 -16.81 -9.79
CA ARG D 32 26.26 -15.78 -10.73
C ARG D 32 25.00 -16.23 -11.45
N VAL D 33 24.03 -15.32 -11.54
CA VAL D 33 22.75 -15.59 -12.17
C VAL D 33 22.55 -14.62 -13.33
N GLU D 34 22.16 -15.15 -14.48
CA GLU D 34 21.99 -14.40 -15.71
C GLU D 34 20.69 -14.81 -16.38
N PRO D 35 20.11 -13.92 -17.20
CA PRO D 35 18.89 -14.29 -17.93
C PRO D 35 19.19 -14.92 -19.28
N VAL D 36 18.48 -16.00 -19.62
CA VAL D 36 18.64 -16.68 -20.91
C VAL D 36 17.27 -16.83 -21.54
N THR D 37 17.22 -16.74 -22.86
CA THR D 37 15.97 -16.84 -23.62
C THR D 37 15.93 -18.14 -24.40
N THR D 38 14.84 -18.87 -24.28
CA THR D 38 14.64 -20.12 -25.01
C THR D 38 13.94 -19.84 -26.34
N SER D 39 14.47 -20.41 -27.41
CA SER D 39 13.92 -20.20 -28.74
C SER D 39 12.52 -20.81 -28.84
N VAL D 40 11.65 -20.12 -29.56
CA VAL D 40 10.27 -20.57 -29.75
C VAL D 40 10.21 -21.60 -30.87
N TYR D 45 7.26 -16.40 -26.62
CA TYR D 45 8.59 -16.69 -26.10
C TYR D 45 8.55 -17.01 -24.61
N SER D 46 9.65 -17.54 -24.09
CA SER D 46 9.79 -17.84 -22.68
C SER D 46 11.08 -17.22 -22.15
N ILE D 47 11.00 -16.65 -20.96
CA ILE D 47 12.14 -16.01 -20.31
C ILE D 47 12.43 -16.77 -19.01
N LEU D 48 13.67 -17.23 -18.86
CA LEU D 48 14.08 -18.05 -17.73
C LEU D 48 15.44 -17.59 -17.24
N MET D 49 15.58 -17.44 -15.92
CA MET D 49 16.87 -17.11 -15.35
C MET D 49 17.80 -18.32 -15.41
N ASN D 50 19.09 -18.05 -15.56
CA ASN D 50 20.11 -19.09 -15.55
C ASN D 50 20.83 -19.08 -14.21
N VAL D 51 20.66 -20.16 -13.44
CA VAL D 51 21.26 -20.29 -12.13
C VAL D 51 22.48 -21.20 -12.25
N SER D 52 23.65 -20.66 -11.94
CA SER D 52 24.89 -21.41 -11.97
C SER D 52 25.74 -21.02 -10.78
N TRP D 53 26.17 -22.00 -9.99
CA TRP D 53 26.98 -21.74 -8.81
C TRP D 53 28.32 -22.47 -8.94
N VAL D 54 29.36 -21.81 -8.46
CA VAL D 54 30.71 -22.38 -8.44
C VAL D 54 30.99 -22.91 -7.05
N LEU D 55 31.29 -24.20 -6.96
CA LEU D 55 31.53 -24.85 -5.67
C LEU D 55 33.02 -24.90 -5.38
N ILE D 61 34.12 -30.52 2.91
CA ILE D 61 33.73 -30.58 1.50
C ILE D 61 33.40 -32.01 1.12
N ARG D 62 34.13 -32.97 1.72
CA ARG D 62 33.89 -34.38 1.40
C ARG D 62 32.49 -34.81 1.82
N LEU D 63 31.95 -34.23 2.89
CA LEU D 63 30.57 -34.47 3.29
C LEU D 63 29.73 -33.29 2.81
N LEU D 64 28.88 -33.56 1.82
CA LEU D 64 28.02 -32.54 1.23
C LEU D 64 26.96 -33.24 0.41
N LYS D 65 25.73 -32.69 0.45
CA LYS D 65 24.61 -33.33 -0.21
C LYS D 65 24.00 -32.51 -1.34
N ALA D 66 23.60 -31.27 -1.08
CA ALA D 66 22.84 -30.51 -2.06
C ALA D 66 22.91 -29.02 -1.73
N THR D 67 22.31 -28.21 -2.61
CA THR D 67 22.16 -26.78 -2.40
C THR D 67 20.81 -26.37 -2.94
N LYS D 68 20.10 -25.50 -2.20
CA LYS D 68 18.74 -25.10 -2.55
C LYS D 68 18.74 -23.77 -3.29
N ILE D 69 17.80 -23.63 -4.22
CA ILE D 69 17.63 -22.41 -5.00
C ILE D 69 16.23 -21.86 -4.76
N CYS D 70 16.14 -20.58 -4.44
CA CYS D 70 14.88 -19.90 -4.20
C CYS D 70 14.79 -18.65 -5.07
N VAL D 71 13.57 -18.28 -5.45
CA VAL D 71 13.33 -17.10 -6.28
C VAL D 71 12.36 -16.19 -5.54
N THR D 72 12.84 -15.01 -5.16
CA THR D 72 12.06 -14.05 -4.38
C THR D 72 12.30 -12.64 -4.91
N GLY D 73 11.21 -11.93 -5.20
CA GLY D 73 11.25 -10.54 -5.58
C GLY D 73 9.93 -9.87 -5.26
N LYS D 74 9.85 -8.56 -5.45
CA LYS D 74 8.65 -7.82 -5.05
C LYS D 74 8.45 -6.65 -6.00
N SER D 75 7.32 -6.64 -6.70
CA SER D 75 6.82 -5.46 -7.40
C SER D 75 5.32 -5.60 -7.61
N ASN D 76 4.52 -4.80 -6.90
CA ASN D 76 3.06 -4.84 -6.86
C ASN D 76 2.55 -6.12 -6.20
N PHE D 77 3.43 -7.06 -5.89
CA PHE D 77 3.11 -8.43 -5.51
C PHE D 77 4.28 -8.95 -4.69
N GLN D 78 4.29 -10.25 -4.48
CA GLN D 78 5.45 -10.96 -3.99
C GLN D 78 5.76 -12.13 -4.93
N SER D 79 6.96 -12.68 -4.80
CA SER D 79 7.31 -13.89 -5.52
C SER D 79 8.04 -14.82 -4.57
N TYR D 80 7.70 -16.11 -4.64
CA TYR D 80 8.27 -17.08 -3.72
C TYR D 80 8.16 -18.47 -4.33
N SER D 81 9.30 -19.05 -4.70
CA SER D 81 9.38 -20.43 -5.13
C SER D 81 10.78 -20.95 -4.85
N CYS D 82 10.85 -22.20 -4.40
CA CYS D 82 12.13 -22.82 -4.05
C CYS D 82 12.20 -24.22 -4.64
N VAL D 83 13.40 -24.62 -5.06
CA VAL D 83 13.66 -25.96 -5.58
C VAL D 83 14.95 -26.46 -4.97
N ARG D 84 15.07 -27.79 -4.87
CA ARG D 84 16.30 -28.41 -4.40
C ARG D 84 17.14 -28.88 -5.58
N CYS D 85 18.39 -29.25 -5.31
CA CYS D 85 19.28 -29.76 -6.34
C CYS D 85 20.22 -30.81 -5.76
N ASN D 86 19.83 -32.08 -5.86
CA ASN D 86 20.63 -33.16 -5.28
C ASN D 86 21.90 -33.39 -6.09
N TYR D 87 22.90 -33.99 -5.45
CA TYR D 87 24.04 -34.53 -6.17
C TYR D 87 23.96 -36.05 -6.20
N THR D 88 24.81 -36.67 -7.03
CA THR D 88 24.82 -38.11 -7.19
C THR D 88 25.96 -38.79 -6.44
N GLU D 89 27.19 -38.30 -6.60
CA GLU D 89 28.34 -38.90 -5.95
C GLU D 89 29.27 -37.81 -5.44
N ALA D 90 30.20 -38.21 -4.57
CA ALA D 90 31.23 -37.28 -4.10
C ALA D 90 32.26 -37.04 -5.21
N PHE D 91 32.86 -35.86 -5.18
CA PHE D 91 33.80 -35.42 -6.21
C PHE D 91 35.06 -34.88 -5.51
N GLN D 92 36.04 -35.77 -5.32
CA GLN D 92 37.31 -35.34 -4.75
C GLN D 92 38.18 -34.65 -5.80
N THR D 93 37.94 -34.96 -7.08
CA THR D 93 38.75 -34.40 -8.16
C THR D 93 38.61 -32.89 -8.21
N GLN D 94 39.75 -32.20 -8.39
CA GLN D 94 39.74 -30.75 -8.44
C GLN D 94 39.14 -30.24 -9.75
N THR D 95 39.40 -30.94 -10.85
CA THR D 95 38.90 -30.53 -12.16
C THR D 95 37.37 -30.58 -12.22
N THR D 103 32.03 -26.87 -12.02
CA THR D 103 31.07 -25.84 -12.45
C THR D 103 29.71 -26.46 -12.74
N PHE D 104 28.69 -25.94 -12.08
CA PHE D 104 27.32 -26.44 -12.20
C PHE D 104 26.39 -25.32 -12.61
N SER D 105 25.26 -25.70 -13.21
CA SER D 105 24.29 -24.72 -13.71
C SER D 105 22.90 -25.32 -13.58
N TYR D 106 21.88 -24.47 -13.81
CA TYR D 106 20.50 -24.87 -13.64
C TYR D 106 19.59 -23.96 -14.46
N ILE D 107 18.58 -24.57 -15.09
CA ILE D 107 17.55 -23.84 -15.81
C ILE D 107 16.18 -24.37 -15.38
N GLY D 108 15.58 -23.74 -14.36
CA GLY D 108 14.30 -24.22 -13.88
C GLY D 108 13.33 -23.18 -13.36
N PHE D 109 13.50 -21.91 -13.72
CA PHE D 109 12.67 -20.86 -13.12
C PHE D 109 12.16 -19.87 -14.15
N PRO D 110 10.84 -19.68 -14.24
CA PRO D 110 10.29 -18.65 -15.14
C PRO D 110 10.51 -17.25 -14.59
N VAL D 111 10.45 -16.27 -15.49
CA VAL D 111 10.60 -14.86 -15.16
C VAL D 111 9.30 -14.15 -15.49
N GLU D 112 8.80 -13.35 -14.54
CA GLU D 112 7.55 -12.63 -14.72
C GLU D 112 7.80 -11.33 -15.47
N LEU D 113 6.78 -10.46 -15.50
CA LEU D 113 6.84 -9.19 -16.20
C LEU D 113 6.85 -8.04 -15.20
N ASN D 114 7.84 -7.15 -15.36
CA ASN D 114 8.01 -6.01 -14.47
C ASN D 114 8.16 -6.45 -13.02
N THR D 115 9.21 -7.23 -12.73
CA THR D 115 9.46 -7.71 -11.37
C THR D 115 10.96 -7.68 -11.12
N VAL D 116 11.35 -7.19 -9.93
CA VAL D 116 12.72 -7.36 -9.45
C VAL D 116 12.86 -8.78 -8.91
N TYR D 117 14.11 -9.24 -8.78
CA TYR D 117 14.37 -10.61 -8.38
C TYR D 117 15.58 -10.68 -7.46
N PHE D 118 15.43 -11.39 -6.34
CA PHE D 118 16.52 -11.67 -5.42
C PHE D 118 16.63 -13.19 -5.30
N ILE D 119 17.80 -13.74 -5.64
CA ILE D 119 18.02 -15.17 -5.71
C ILE D 119 18.78 -15.60 -4.47
N GLY D 120 18.29 -16.63 -3.79
CA GLY D 120 18.91 -17.12 -2.58
C GLY D 120 19.29 -18.59 -2.66
N ALA D 121 20.50 -18.91 -2.24
CA ALA D 121 21.01 -20.28 -2.30
C ALA D 121 21.96 -20.54 -1.14
N HIS D 122 21.77 -21.68 -0.48
CA HIS D 122 22.60 -22.09 0.64
C HIS D 122 22.76 -23.60 0.61
N ASN D 123 23.96 -24.06 0.97
CA ASN D 123 24.27 -25.48 0.95
C ASN D 123 23.51 -26.21 2.07
N ILE D 124 23.42 -27.52 1.94
CA ILE D 124 22.72 -28.35 2.92
C ILE D 124 23.67 -29.45 3.39
N PRO D 125 23.86 -29.64 4.70
CA PRO D 125 23.23 -28.87 5.79
C PRO D 125 23.83 -27.47 5.96
N ASN D 126 23.16 -26.62 6.73
CA ASN D 126 23.57 -25.26 6.98
C ASN D 126 24.00 -25.12 8.45
N ALA D 127 24.36 -23.89 8.82
CA ALA D 127 24.86 -23.63 10.18
C ALA D 127 23.76 -23.80 11.21
N ASN D 128 24.17 -24.23 12.41
CA ASN D 128 23.24 -24.40 13.52
C ASN D 128 22.91 -23.06 14.16
N MET D 129 22.14 -23.10 15.24
CA MET D 129 21.83 -21.88 15.97
C MET D 129 23.06 -21.39 16.73
N ASN D 130 23.03 -20.11 17.10
CA ASN D 130 24.14 -19.46 17.78
C ASN D 130 25.45 -19.66 17.02
N GLU D 131 25.38 -19.43 15.71
CA GLU D 131 26.50 -19.67 14.80
C GLU D 131 26.42 -18.61 13.70
N ASP D 132 27.45 -18.55 12.86
CA ASP D 132 27.54 -17.58 11.79
C ASP D 132 27.69 -18.30 10.46
N GLY D 133 27.82 -17.52 9.39
CA GLY D 133 27.97 -18.04 8.05
C GLY D 133 26.67 -18.20 7.27
N PRO D 134 25.91 -17.12 7.07
CA PRO D 134 24.69 -17.22 6.27
C PRO D 134 25.01 -17.38 4.79
N SER D 135 23.94 -17.38 3.99
CA SER D 135 24.06 -17.40 2.54
C SER D 135 24.16 -15.99 1.98
N MET D 136 24.46 -15.90 0.69
CA MET D 136 24.55 -14.64 -0.02
C MET D 136 23.34 -14.44 -0.92
N SER D 137 23.29 -13.26 -1.55
CA SER D 137 22.20 -12.92 -2.46
C SER D 137 22.74 -12.04 -3.58
N VAL D 138 22.05 -12.04 -4.71
CA VAL D 138 22.43 -11.26 -5.88
C VAL D 138 21.23 -10.47 -6.34
N ASN D 139 21.49 -9.29 -6.92
CA ASN D 139 20.47 -8.43 -7.47
C ASN D 139 20.16 -8.86 -8.90
N PHE D 140 18.98 -8.48 -9.37
CA PHE D 140 18.63 -8.65 -10.78
C PHE D 140 17.40 -7.82 -11.07
N THR D 141 17.42 -7.13 -12.21
CA THR D 141 16.32 -6.29 -12.65
C THR D 141 15.77 -6.84 -13.96
N SER D 142 14.58 -7.43 -13.90
CA SER D 142 13.96 -7.94 -15.11
C SER D 142 13.20 -6.82 -15.82
N PRO D 143 13.60 -6.48 -17.04
CA PRO D 143 12.88 -5.43 -17.78
C PRO D 143 11.47 -5.87 -18.11
N GLY D 144 10.58 -4.90 -18.26
CA GLY D 144 9.22 -5.17 -18.66
C GLY D 144 9.11 -5.37 -20.16
N CYS D 145 7.88 -5.27 -20.65
CA CYS D 145 7.63 -5.45 -22.07
C CYS D 145 7.66 -4.15 -22.85
N LEU D 146 8.36 -3.12 -22.35
CA LEU D 146 8.51 -1.84 -23.02
C LEU D 146 9.72 -1.81 -23.96
N ASP D 147 10.41 -2.92 -24.14
CA ASP D 147 11.56 -3.01 -25.02
C ASP D 147 11.24 -3.91 -26.22
N HIS D 148 11.84 -3.60 -27.36
CA HIS D 148 11.49 -4.26 -28.62
C HIS D 148 11.74 -5.75 -28.58
N ILE D 149 12.73 -6.22 -27.83
CA ILE D 149 12.97 -7.66 -27.72
C ILE D 149 11.78 -8.34 -27.04
N MET D 150 11.28 -7.73 -25.96
CA MET D 150 10.16 -8.27 -25.18
C MET D 150 8.87 -7.53 -25.48
N LYS D 151 8.67 -7.17 -26.75
CA LYS D 151 7.61 -6.27 -27.18
C LYS D 151 6.37 -7.02 -27.69
N TYR D 152 6.51 -8.29 -28.06
CA TYR D 152 5.41 -9.07 -28.61
C TYR D 152 4.79 -10.01 -27.59
N LYS D 153 5.09 -9.85 -26.31
CA LYS D 153 4.60 -10.75 -25.29
C LYS D 153 3.07 -10.71 -25.20
N LYS D 154 2.50 -11.84 -24.77
CA LYS D 154 1.06 -12.08 -24.89
C LYS D 154 0.24 -11.03 -24.14
N LYS D 155 0.75 -10.56 -23.00
CA LYS D 155 -0.08 -9.70 -22.15
C LYS D 155 -0.26 -8.31 -22.73
N CYS D 156 0.84 -7.60 -23.00
CA CYS D 156 0.73 -6.17 -23.33
C CYS D 156 0.63 -5.95 -24.83
N VAL D 157 0.70 -7.02 -25.63
CA VAL D 157 0.46 -6.87 -27.06
C VAL D 157 -0.98 -6.41 -27.30
N LYS D 158 -1.90 -6.90 -26.46
CA LYS D 158 -3.27 -6.39 -26.48
C LYS D 158 -3.34 -4.98 -25.93
N ALA D 159 -2.43 -4.62 -25.04
CA ALA D 159 -2.48 -3.35 -24.32
C ALA D 159 -1.98 -2.17 -25.13
N GLY D 160 -1.56 -2.38 -26.38
CA GLY D 160 -1.22 -1.28 -27.26
C GLY D 160 0.22 -1.25 -27.74
N SER D 161 0.98 -2.34 -27.59
CA SER D 161 2.34 -2.35 -28.13
C SER D 161 2.34 -2.25 -29.65
N LEU D 162 1.45 -2.97 -30.31
CA LEU D 162 1.39 -3.03 -31.77
C LEU D 162 0.87 -1.75 -32.40
N TRP D 163 -0.08 -1.07 -31.78
CA TRP D 163 -0.78 0.02 -32.44
C TRP D 163 0.15 1.19 -32.70
N ASP D 164 0.07 1.74 -33.92
CA ASP D 164 0.81 2.94 -34.29
C ASP D 164 -0.20 4.07 -34.49
N PRO D 165 -0.40 4.94 -33.50
CA PRO D 165 -1.43 5.97 -33.62
C PRO D 165 -1.28 6.87 -34.83
N ASN D 166 -0.05 7.19 -35.23
CA ASN D 166 0.21 8.25 -36.21
C ASN D 166 -0.51 9.52 -35.78
N ILE D 167 -0.41 9.84 -34.50
CA ILE D 167 -1.15 10.95 -33.93
C ILE D 167 -0.65 12.26 -34.52
N THR D 168 -1.60 13.08 -35.00
CA THR D 168 -1.29 14.36 -35.64
C THR D 168 -2.26 15.39 -35.07
N ALA D 169 -1.71 16.40 -34.40
CA ALA D 169 -2.49 17.43 -33.74
C ALA D 169 -2.43 18.71 -34.56
N CYS D 170 -3.60 19.26 -34.87
CA CYS D 170 -3.73 20.50 -35.62
C CYS D 170 -4.56 21.48 -34.82
N LYS D 171 -4.13 22.74 -34.79
CA LYS D 171 -4.82 23.81 -34.08
C LYS D 171 -5.60 24.71 -35.03
N LYS D 172 -6.94 24.69 -34.96
CA LYS D 172 -7.71 25.65 -35.75
C LYS D 172 -7.50 27.07 -35.26
N ASN D 173 -7.66 27.30 -33.96
CA ASN D 173 -7.55 28.63 -33.39
C ASN D 173 -7.13 28.50 -31.92
N GLU D 174 -7.13 29.62 -31.20
CA GLU D 174 -6.60 29.64 -29.84
C GLU D 174 -7.39 28.76 -28.90
N GLU D 175 -8.71 28.74 -29.04
CA GLU D 175 -9.57 28.06 -28.06
C GLU D 175 -9.68 26.57 -28.28
N THR D 176 -9.53 26.09 -29.52
CA THR D 176 -9.79 24.69 -29.83
C THR D 176 -8.60 24.08 -30.56
N VAL D 177 -8.41 22.77 -30.33
CA VAL D 177 -7.41 21.98 -31.04
C VAL D 177 -8.08 20.68 -31.47
N GLU D 178 -7.94 20.32 -32.75
CA GLU D 178 -8.51 19.08 -33.27
C GLU D 178 -7.42 18.02 -33.32
N VAL D 179 -7.75 16.81 -32.88
CA VAL D 179 -6.79 15.72 -32.79
C VAL D 179 -7.16 14.66 -33.83
N ASN D 180 -6.19 14.31 -34.68
CA ASN D 180 -6.36 13.33 -35.73
C ASN D 180 -5.55 12.08 -35.37
N PHE D 181 -6.20 10.92 -35.35
CA PHE D 181 -5.52 9.68 -35.03
C PHE D 181 -6.35 8.50 -35.49
N THR D 182 -5.65 7.40 -35.79
CA THR D 182 -6.30 6.17 -36.21
C THR D 182 -7.04 5.51 -35.06
N THR D 183 -8.26 5.03 -35.33
CA THR D 183 -9.06 4.33 -34.35
C THR D 183 -8.70 2.84 -34.39
N THR D 184 -9.13 2.09 -33.38
CA THR D 184 -8.85 0.67 -33.28
C THR D 184 -10.13 -0.02 -32.83
N PRO D 185 -10.35 -1.27 -33.24
CA PRO D 185 -11.53 -1.99 -32.72
C PRO D 185 -11.43 -2.29 -31.24
N LEU D 186 -10.22 -2.23 -30.68
CA LEU D 186 -10.04 -2.54 -29.26
C LEU D 186 -10.75 -1.54 -28.36
N GLY D 187 -10.67 -0.25 -28.68
CA GLY D 187 -11.20 0.77 -27.80
C GLY D 187 -12.33 1.54 -28.45
N ASN D 188 -13.18 2.12 -27.59
CA ASN D 188 -14.28 2.96 -28.02
C ASN D 188 -14.32 4.33 -27.34
N ARG D 189 -13.74 4.45 -26.15
CA ARG D 189 -13.74 5.70 -25.39
C ARG D 189 -12.29 6.10 -25.09
N TYR D 190 -11.97 7.35 -25.37
CA TYR D 190 -10.59 7.83 -25.33
C TYR D 190 -10.52 9.10 -24.49
N MET D 191 -9.50 9.19 -23.63
CA MET D 191 -9.22 10.41 -22.90
C MET D 191 -7.91 11.02 -23.41
N ALA D 192 -7.74 12.33 -23.19
CA ALA D 192 -6.59 13.04 -23.74
C ALA D 192 -5.89 13.88 -22.68
N LEU D 193 -4.59 14.11 -22.89
CA LEU D 193 -3.81 15.03 -22.08
C LEU D 193 -3.09 16.00 -23.01
N ILE D 194 -3.11 17.29 -22.66
CA ILE D 194 -2.31 18.29 -23.33
C ILE D 194 -1.48 18.98 -22.24
N GLN D 195 -0.18 18.68 -22.20
CA GLN D 195 0.69 19.12 -21.12
C GLN D 195 1.96 19.72 -21.71
N HIS D 196 2.09 21.04 -21.58
CA HIS D 196 3.30 21.75 -21.99
C HIS D 196 4.00 22.31 -20.76
N SER D 197 3.26 23.12 -19.99
CA SER D 197 3.70 23.59 -18.68
C SER D 197 2.73 23.19 -17.58
N THR D 198 1.43 23.37 -17.82
CA THR D 198 0.36 22.90 -16.97
C THR D 198 -0.71 22.24 -17.84
N ILE D 199 -1.83 21.90 -17.22
CA ILE D 199 -2.93 21.30 -17.97
C ILE D 199 -3.77 22.40 -18.59
N ILE D 200 -3.85 22.42 -19.91
CA ILE D 200 -4.59 23.45 -20.63
C ILE D 200 -5.74 22.80 -21.42
N GLY D 201 -5.69 21.48 -21.56
CA GLY D 201 -6.71 20.76 -22.30
C GLY D 201 -7.19 19.51 -21.60
N PHE D 202 -8.50 19.26 -21.63
CA PHE D 202 -9.10 18.12 -20.96
C PHE D 202 -10.47 17.86 -21.56
N SER D 203 -10.65 16.67 -22.13
CA SER D 203 -11.95 16.23 -22.63
C SER D 203 -11.99 14.72 -22.71
N GLN D 204 -13.20 14.19 -22.87
CA GLN D 204 -13.43 12.75 -23.00
C GLN D 204 -14.39 12.52 -24.17
N VAL D 205 -14.00 11.60 -25.06
CA VAL D 205 -14.75 11.37 -26.28
C VAL D 205 -14.98 9.87 -26.47
N PHE D 206 -16.04 9.55 -27.22
CA PHE D 206 -16.38 8.18 -27.58
C PHE D 206 -16.51 8.09 -29.08
N GLU D 207 -15.79 7.14 -29.69
CA GLU D 207 -15.75 7.00 -31.13
C GLU D 207 -15.84 5.52 -31.50
N PRO D 208 -16.77 5.14 -32.39
CA PRO D 208 -16.84 3.74 -32.83
C PRO D 208 -15.94 3.45 -34.02
N HIS D 209 -15.14 2.40 -33.92
CA HIS D 209 -14.30 2.00 -35.05
C HIS D 209 -15.15 1.51 -36.21
N GLN D 210 -14.78 1.92 -37.41
CA GLN D 210 -15.50 1.57 -38.63
C GLN D 210 -14.54 0.88 -39.58
N LYS D 211 -14.92 -0.29 -40.09
CA LYS D 211 -14.05 -1.00 -41.02
C LYS D 211 -13.88 -0.23 -42.32
N LYS D 212 -14.95 0.40 -42.81
CA LYS D 212 -14.85 1.14 -44.06
C LYS D 212 -13.94 2.35 -43.93
N GLN D 213 -14.05 3.08 -42.82
CA GLN D 213 -13.22 4.26 -42.57
C GLN D 213 -12.61 4.16 -41.18
N THR D 214 -11.28 4.15 -41.13
CA THR D 214 -10.57 3.82 -39.89
C THR D 214 -9.77 5.03 -39.41
N ARG D 215 -10.36 6.22 -39.51
CA ARG D 215 -9.57 7.43 -39.32
C ARG D 215 -10.49 8.53 -38.79
N ALA D 216 -10.44 8.75 -37.47
CA ALA D 216 -11.46 9.48 -36.76
C ALA D 216 -11.05 10.92 -36.46
N SER D 217 -12.00 11.67 -35.91
CA SER D 217 -11.84 13.09 -35.59
C SER D 217 -12.29 13.33 -34.15
N VAL D 218 -11.46 14.04 -33.38
CA VAL D 218 -11.76 14.41 -32.01
C VAL D 218 -11.54 15.90 -31.83
N VAL D 219 -12.47 16.56 -31.15
CA VAL D 219 -12.38 17.99 -30.85
C VAL D 219 -12.27 18.15 -29.34
N ILE D 220 -11.23 18.86 -28.89
CA ILE D 220 -10.97 19.09 -27.47
C ILE D 220 -10.68 20.58 -27.30
N PRO D 221 -11.48 21.31 -26.52
CA PRO D 221 -11.19 22.72 -26.28
C PRO D 221 -10.02 22.88 -25.32
N VAL D 222 -9.29 24.00 -25.48
CA VAL D 222 -8.11 24.29 -24.68
C VAL D 222 -8.18 25.71 -24.18
N THR D 223 -7.44 25.98 -23.11
CA THR D 223 -7.35 27.32 -22.52
C THR D 223 -5.91 27.81 -22.64
N GLY D 224 -5.70 28.87 -23.42
CA GLY D 224 -4.41 29.49 -23.55
C GLY D 224 -3.74 29.18 -24.87
N ASP D 225 -2.51 29.69 -25.00
CA ASP D 225 -1.72 29.47 -26.20
C ASP D 225 -1.15 28.06 -26.20
N SER D 226 -1.57 27.24 -27.17
CA SER D 226 -1.18 25.84 -27.22
C SER D 226 -0.06 25.55 -28.21
N GLU D 227 0.56 26.58 -28.78
CA GLU D 227 1.66 26.35 -29.71
C GLU D 227 2.86 25.75 -28.98
N GLY D 228 3.46 24.74 -29.59
CA GLY D 228 4.60 24.06 -28.98
C GLY D 228 4.25 23.07 -27.89
N ALA D 229 2.96 22.88 -27.61
CA ALA D 229 2.55 21.96 -26.56
C ALA D 229 2.76 20.52 -26.99
N THR D 230 2.61 19.60 -26.04
CA THR D 230 2.70 18.18 -26.29
C THR D 230 1.34 17.55 -26.09
N VAL D 231 0.82 16.91 -27.14
CA VAL D 231 -0.49 16.26 -27.09
C VAL D 231 -0.28 14.80 -26.70
N GLN D 232 -0.97 14.37 -25.65
CA GLN D 232 -0.78 13.07 -25.04
C GLN D 232 -2.13 12.35 -25.00
N LEU D 233 -2.15 11.11 -25.48
CA LEU D 233 -3.38 10.34 -25.61
C LEU D 233 -3.44 9.29 -24.52
N THR D 234 -4.65 8.99 -24.05
CA THR D 234 -4.86 8.00 -23.00
C THR D 234 -6.07 7.15 -23.37
N PRO D 235 -5.88 5.89 -23.76
CA PRO D 235 -7.01 5.03 -24.10
C PRO D 235 -7.50 4.20 -22.92
N TYR D 236 -8.81 4.01 -22.87
CA TYR D 236 -9.45 3.14 -21.88
C TYR D 236 -9.69 1.76 -22.50
N PHE D 237 -8.62 1.04 -22.74
CA PHE D 237 -8.80 -0.34 -23.17
C PHE D 237 -9.13 -1.20 -21.95
N PRO D 238 -10.21 -2.00 -22.01
CA PRO D 238 -10.65 -2.71 -20.80
C PRO D 238 -9.64 -3.68 -20.21
N THR D 239 -8.68 -4.15 -21.00
CA THR D 239 -7.69 -5.10 -20.51
C THR D 239 -6.63 -4.44 -19.64
N CYS D 240 -6.36 -3.15 -19.81
CA CYS D 240 -5.33 -2.45 -19.06
C CYS D 240 -5.86 -1.45 -18.05
N GLY D 241 -7.18 -1.40 -17.86
CA GLY D 241 -7.74 -0.53 -16.82
C GLY D 241 -7.45 0.93 -17.07
N SER D 242 -6.83 1.58 -16.09
CA SER D 242 -6.50 3.00 -16.16
C SER D 242 -5.00 3.26 -16.31
N ASP D 243 -4.17 2.23 -16.18
CA ASP D 243 -2.73 2.36 -16.33
C ASP D 243 -2.25 1.95 -17.71
N CYS D 244 -3.03 2.25 -18.75
CA CYS D 244 -2.69 1.81 -20.10
C CYS D 244 -1.52 2.61 -20.65
N ILE D 245 -0.81 1.99 -21.61
CA ILE D 245 0.31 2.65 -22.26
C ILE D 245 -0.20 3.80 -23.11
N ARG D 246 0.50 4.92 -23.08
CA ARG D 246 0.12 6.10 -23.83
C ARG D 246 1.09 6.31 -24.99
N HIS D 247 0.74 7.27 -25.85
CA HIS D 247 1.51 7.52 -27.07
C HIS D 247 1.78 9.01 -27.20
N LYS D 248 3.05 9.36 -27.36
CA LYS D 248 3.49 10.75 -27.39
C LYS D 248 3.14 11.39 -28.72
N GLY D 249 2.79 12.66 -28.67
CA GLY D 249 2.52 13.43 -29.86
C GLY D 249 2.81 14.89 -29.62
N THR D 250 3.17 15.59 -30.69
CA THR D 250 3.49 17.00 -30.62
C THR D 250 2.54 17.78 -31.52
N VAL D 251 2.22 19.00 -31.08
CA VAL D 251 1.34 19.85 -31.87
C VAL D 251 2.05 20.28 -33.15
N VAL D 252 1.35 20.16 -34.28
CA VAL D 252 1.88 20.51 -35.58
C VAL D 252 1.00 21.60 -36.16
N LEU D 253 1.60 22.74 -36.51
CA LEU D 253 0.85 23.79 -37.17
C LEU D 253 0.44 23.33 -38.56
N CYS D 254 -0.87 23.14 -38.76
CA CYS D 254 -1.38 22.55 -39.99
C CYS D 254 -1.99 23.63 -40.86
N PRO D 255 -1.62 23.71 -42.14
CA PRO D 255 -2.15 24.72 -43.06
C PRO D 255 -3.64 24.53 -43.34
C1 NAG E . -19.80 -19.31 27.19
C2 NAG E . -18.56 -18.86 27.98
C3 NAG E . -17.30 -19.44 27.35
C4 NAG E . -17.42 -20.94 27.20
C5 NAG E . -18.70 -21.31 26.46
C6 NAG E . -18.94 -22.81 26.40
C7 NAG E . -18.06 -16.77 29.17
C8 NAG E . -18.05 -15.28 29.10
N2 NAG E . -18.49 -17.41 28.08
O3 NAG E . -16.18 -19.11 28.16
O4 NAG E . -16.29 -21.45 26.48
O5 NAG E . -19.83 -20.73 27.13
O6 NAG E . -17.79 -23.52 26.80
O7 NAG E . -17.69 -17.38 30.18
C1 NAG F . -21.74 0.92 7.16
C2 NAG F . -22.18 0.39 5.80
C3 NAG F . -22.91 1.48 5.03
C4 NAG F . -24.05 2.05 5.86
C5 NAG F . -23.53 2.51 7.22
C6 NAG F . -24.64 2.98 8.15
C7 NAG F . -20.61 -1.38 5.13
C8 NAG F . -19.43 -1.72 4.27
N2 NAG F . -21.05 -0.11 5.04
O3 NAG F . -23.42 0.93 3.81
O4 NAG F . -24.64 3.16 5.18
O5 NAG F . -22.88 1.42 7.88
O6 NAG F . -25.65 3.66 7.43
O7 NAG F . -21.14 -2.19 5.88
C1 NAG G . 11.72 37.38 15.95
C2 NAG G . 11.23 38.72 16.52
C3 NAG G . 12.30 39.80 16.32
C4 NAG G . 13.63 39.34 16.90
C5 NAG G . 14.02 37.99 16.30
C6 NAG G . 15.28 37.43 16.92
C7 NAG G . 9.07 39.88 16.58
C8 NAG G . 7.82 40.20 15.82
N2 NAG G . 9.97 39.13 15.94
O3 NAG G . 11.88 41.00 16.96
O4 NAG G . 14.64 40.30 16.60
O5 NAG G . 12.98 37.04 16.53
O6 NAG G . 16.33 38.39 16.95
O7 NAG G . 9.26 40.27 17.73
C1 NAG H . 16.49 -35.00 -3.50
C2 NAG H . 15.30 -35.70 -4.16
C3 NAG H . 14.16 -35.85 -3.14
C4 NAG H . 14.66 -36.56 -1.89
C5 NAG H . 15.87 -35.83 -1.32
C6 NAG H . 16.49 -36.53 -0.15
C7 NAG H . 15.28 -35.24 -6.57
C8 NAG H . 14.71 -34.39 -7.66
N2 NAG H . 14.84 -34.98 -5.33
O3 NAG H . 13.10 -36.61 -3.73
O4 NAG H . 13.63 -36.59 -0.91
O5 NAG H . 16.89 -35.73 -2.33
O6 NAG H . 16.39 -37.95 -0.28
O7 NAG H . 16.10 -36.12 -6.79
C1 NAG I . 22.75 -5.03 -4.74
C2 NAG I . 22.49 -5.68 -3.37
C3 NAG I . 23.24 -4.93 -2.27
C4 NAG I . 24.73 -4.82 -2.62
C5 NAG I . 24.88 -4.16 -3.98
C6 NAG I . 26.32 -4.10 -4.45
C7 NAG I . 20.52 -6.53 -2.18
C8 NAG I . 19.03 -6.40 -1.99
N2 NAG I . 21.06 -5.70 -3.08
O3 NAG I . 23.10 -5.63 -1.03
O4 NAG I . 25.39 -4.03 -1.64
O5 NAG I . 24.17 -4.94 -4.96
O6 NAG I . 26.45 -4.53 -5.80
O7 NAG I . 21.19 -7.33 -1.54
C1 NAG J . -8.79 15.37 -39.04
C2 NAG J . -8.27 15.89 -40.38
C3 NAG J . -9.33 16.72 -41.07
C4 NAG J . -10.59 15.89 -41.25
C5 NAG J . -11.08 15.35 -39.90
C6 NAG J . -12.23 14.39 -40.04
C7 NAG J . -6.12 16.77 -41.18
C8 NAG J . -4.93 17.59 -40.84
N2 NAG J . -7.04 16.65 -40.21
O3 NAG J . -8.86 17.17 -42.33
O4 NAG J . -11.62 16.69 -41.83
O5 NAG J . -10.01 14.62 -39.25
O6 NAG J . -13.09 14.78 -41.10
O7 NAG J . -6.26 16.24 -42.27
#